data_1J2R
#
_entry.id   1J2R
#
_cell.length_a   140.502
_cell.length_b   108.886
_cell.length_c   50.419
_cell.angle_alpha   90.00
_cell.angle_beta   90.00
_cell.angle_gamma   90.00
#
_symmetry.space_group_name_H-M   'P 21 21 2'
#
loop_
_entity.id
_entity.type
_entity.pdbx_description
1 polymer 'Hypothetical isochorismatase family protein yecD'
2 non-polymer (4S)-2-METHYL-2,4-PENTANEDIOL
3 water water
#
_entity_poly.entity_id   1
_entity_poly.type   'polypeptide(L)'
_entity_poly.pdbx_seq_one_letter_code
;MRHDFVFSGVIMLELNAKTTALVVIDLQEGILPFAGGPHTADEVVNRAGKLAAKFRASGQPVFLVRVGWSADYAEALKQP
VDAPSPAKVLPENWWQHPAALGTTDSDIEIIKRQWGAFYGTDLELQLRRRGIDTIVLCGISTNIGVESTARNAWELGFNL
VIAEDACSAASAEQHNNSINHIYPRIARVRSVEEILNAL
;
_entity_poly.pdbx_strand_id   A,B,C,D
#
loop_
_chem_comp.id
_chem_comp.type
_chem_comp.name
_chem_comp.formula
MPD non-polymer (4S)-2-METHYL-2,4-PENTANEDIOL 'C6 H14 O2'
#
# COMPACT_ATOMS: atom_id res chain seq x y z
N MET A 12 5.99 -34.25 -10.48
CA MET A 12 4.62 -34.11 -9.90
C MET A 12 4.58 -32.92 -8.94
N LEU A 13 3.61 -32.02 -9.15
CA LEU A 13 3.44 -30.86 -8.28
C LEU A 13 3.06 -31.30 -6.87
N GLU A 14 3.70 -30.69 -5.89
CA GLU A 14 3.32 -30.84 -4.50
C GLU A 14 3.04 -29.46 -3.90
N LEU A 15 2.00 -29.39 -3.09
CA LEU A 15 1.65 -28.18 -2.38
C LEU A 15 1.57 -28.49 -0.91
N ASN A 16 1.96 -27.50 -0.11
CA ASN A 16 1.78 -27.54 1.32
C ASN A 16 0.43 -26.92 1.60
N ALA A 17 -0.59 -27.76 1.79
CA ALA A 17 -1.97 -27.30 1.94
C ALA A 17 -2.12 -26.24 3.03
N LYS A 18 -1.41 -26.41 4.16
CA LYS A 18 -1.63 -25.55 5.32
C LYS A 18 -1.23 -24.08 5.09
N THR A 19 -0.35 -23.84 4.12
CA THR A 19 0.02 -22.46 3.78
C THR A 19 -0.49 -22.04 2.40
N THR A 20 -1.51 -22.74 1.90
CA THR A 20 -2.09 -22.48 0.60
C THR A 20 -3.56 -22.04 0.68
N ALA A 21 -3.92 -21.05 -0.13
CA ALA A 21 -5.30 -20.57 -0.27
C ALA A 21 -5.72 -20.60 -1.72
N LEU A 22 -7.02 -20.66 -1.95
CA LEU A 22 -7.62 -20.60 -3.29
C LEU A 22 -8.19 -19.21 -3.48
N VAL A 23 -7.85 -18.56 -4.58
CA VAL A 23 -8.40 -17.25 -4.91
C VAL A 23 -9.13 -17.37 -6.26
N VAL A 24 -10.44 -17.16 -6.22
CA VAL A 24 -11.33 -17.38 -7.35
C VAL A 24 -11.79 -15.99 -7.84
N ILE A 25 -11.33 -15.61 -9.02
CA ILE A 25 -11.56 -14.26 -9.53
C ILE A 25 -12.83 -14.15 -10.37
N ASP A 26 -13.80 -13.42 -9.84
CA ASP A 26 -14.94 -12.87 -10.58
C ASP A 26 -15.81 -13.94 -11.23
N LEU A 27 -15.95 -15.07 -10.55
CA LEU A 27 -16.92 -16.08 -11.00
C LEU A 27 -18.29 -15.74 -10.41
N GLN A 28 -18.90 -14.78 -11.07
CA GLN A 28 -20.18 -14.20 -10.74
C GLN A 28 -20.97 -14.10 -12.03
N GLU A 29 -22.28 -14.16 -11.95
CA GLU A 29 -23.05 -14.29 -13.18
C GLU A 29 -22.83 -13.09 -14.11
N GLY A 30 -22.57 -11.90 -13.57
CA GLY A 30 -22.36 -10.75 -14.43
C GLY A 30 -21.14 -10.84 -15.33
N ILE A 31 -20.13 -11.60 -14.90
CA ILE A 31 -18.86 -11.68 -15.58
C ILE A 31 -18.78 -12.87 -16.53
N LEU A 32 -19.55 -13.92 -16.29
CA LEU A 32 -19.45 -15.10 -17.16
C LEU A 32 -19.55 -14.82 -18.67
N PRO A 33 -20.41 -13.89 -19.10
CA PRO A 33 -20.50 -13.60 -20.55
C PRO A 33 -19.21 -13.12 -21.20
N PHE A 34 -18.29 -12.60 -20.41
CA PHE A 34 -17.04 -12.08 -20.96
C PHE A 34 -16.05 -13.16 -21.33
N ALA A 35 -16.22 -14.38 -20.80
CA ALA A 35 -15.37 -15.49 -21.19
C ALA A 35 -15.62 -15.86 -22.64
N GLY A 36 -14.55 -16.14 -23.37
CA GLY A 36 -14.62 -16.54 -24.77
C GLY A 36 -13.82 -17.77 -25.14
N GLY A 37 -12.74 -18.07 -24.43
CA GLY A 37 -11.96 -19.24 -24.71
C GLY A 37 -10.61 -19.24 -23.99
N PRO A 38 -9.89 -20.36 -23.98
CA PRO A 38 -10.29 -21.61 -24.67
C PRO A 38 -11.15 -22.55 -23.82
N HIS A 39 -11.43 -22.14 -22.59
CA HIS A 39 -12.31 -22.86 -21.68
C HIS A 39 -13.57 -22.03 -21.54
N THR A 40 -14.74 -22.66 -21.46
CA THR A 40 -15.97 -21.89 -21.37
C THR A 40 -16.18 -21.39 -19.94
N ALA A 41 -17.05 -20.41 -19.79
CA ALA A 41 -17.39 -19.92 -18.45
C ALA A 41 -17.87 -21.03 -17.54
N ASP A 42 -18.77 -21.86 -18.05
CA ASP A 42 -19.30 -22.94 -17.25
C ASP A 42 -18.20 -23.95 -16.86
N GLU A 43 -17.28 -24.20 -17.77
CA GLU A 43 -16.15 -25.07 -17.46
C GLU A 43 -15.31 -24.50 -16.33
N VAL A 44 -15.00 -23.20 -16.41
CA VAL A 44 -14.19 -22.56 -15.38
C VAL A 44 -14.93 -22.60 -14.00
N VAL A 45 -16.23 -22.38 -14.02
CA VAL A 45 -17.02 -22.37 -12.79
C VAL A 45 -17.03 -23.78 -12.17
N ASN A 46 -17.27 -24.79 -12.99
CA ASN A 46 -17.31 -26.15 -12.47
C ASN A 46 -15.95 -26.56 -11.90
N ARG A 47 -14.88 -26.21 -12.61
CA ARG A 47 -13.53 -26.50 -12.13
C ARG A 47 -13.19 -25.76 -10.85
N ALA A 48 -13.54 -24.47 -10.79
CA ALA A 48 -13.32 -23.71 -9.58
C ALA A 48 -14.10 -24.29 -8.40
N GLY A 49 -15.29 -24.82 -8.65
CA GLY A 49 -16.06 -25.43 -7.60
C GLY A 49 -15.41 -26.69 -7.07
N LYS A 50 -14.77 -27.47 -7.94
CA LYS A 50 -14.03 -28.65 -7.49
C LYS A 50 -12.76 -28.28 -6.73
N LEU A 51 -12.04 -27.27 -7.19
CA LEU A 51 -10.93 -26.75 -6.40
C LEU A 51 -11.41 -26.28 -5.04
N ALA A 52 -12.52 -25.54 -4.99
CA ALA A 52 -13.00 -24.98 -3.72
C ALA A 52 -13.42 -26.13 -2.79
N ALA A 53 -14.04 -27.17 -3.34
CA ALA A 53 -14.45 -28.33 -2.52
C ALA A 53 -13.25 -28.98 -1.84
N LYS A 54 -12.15 -29.11 -2.57
CA LYS A 54 -10.92 -29.67 -2.03
C LYS A 54 -10.32 -28.78 -0.93
N PHE A 55 -10.28 -27.48 -1.15
CA PHE A 55 -9.78 -26.55 -0.15
C PHE A 55 -10.64 -26.61 1.12
N ARG A 56 -11.96 -26.60 0.97
CA ARG A 56 -12.85 -26.70 2.13
C ARG A 56 -12.64 -28.00 2.92
N ALA A 57 -12.42 -29.11 2.22
CA ALA A 57 -12.23 -30.41 2.87
C ALA A 57 -10.89 -30.43 3.62
N SER A 58 -9.96 -29.59 3.18
CA SER A 58 -8.63 -29.44 3.80
C SER A 58 -8.58 -28.40 4.92
N GLY A 59 -9.68 -27.69 5.15
CA GLY A 59 -9.73 -26.62 6.13
C GLY A 59 -8.94 -25.38 5.74
N GLN A 60 -8.82 -25.11 4.44
CA GLN A 60 -8.02 -24.00 3.97
C GLN A 60 -8.88 -22.92 3.34
N PRO A 61 -8.41 -21.68 3.38
CA PRO A 61 -9.27 -20.57 2.96
C PRO A 61 -9.57 -20.58 1.47
N VAL A 62 -10.83 -20.27 1.18
CA VAL A 62 -11.32 -20.06 -0.16
C VAL A 62 -11.76 -18.62 -0.22
N PHE A 63 -11.13 -17.85 -1.11
CA PHE A 63 -11.45 -16.46 -1.34
C PHE A 63 -12.26 -16.34 -2.62
N LEU A 64 -13.51 -15.92 -2.48
CA LEU A 64 -14.39 -15.67 -3.63
C LEU A 64 -14.40 -14.17 -3.87
N VAL A 65 -13.73 -13.77 -4.94
CA VAL A 65 -13.56 -12.38 -5.29
C VAL A 65 -14.63 -12.00 -6.31
N ARG A 66 -15.28 -10.87 -6.10
CA ARG A 66 -16.24 -10.34 -7.07
C ARG A 66 -15.95 -8.87 -7.29
N VAL A 67 -16.33 -8.38 -8.46
CA VAL A 67 -16.08 -7.00 -8.87
C VAL A 67 -17.41 -6.32 -9.15
N GLY A 68 -17.50 -5.03 -8.85
CA GLY A 68 -18.67 -4.25 -9.22
C GLY A 68 -18.72 -2.94 -8.50
N TRP A 69 -19.81 -2.22 -8.69
CA TRP A 69 -19.95 -0.84 -8.25
C TRP A 69 -21.41 -0.63 -7.88
N SER A 70 -21.64 0.38 -7.06
CA SER A 70 -23.00 0.79 -6.73
C SER A 70 -23.64 1.43 -7.96
N ALA A 71 -24.96 1.63 -7.88
CA ALA A 71 -25.71 2.17 -9.01
C ALA A 71 -25.14 3.50 -9.51
N ASP A 72 -24.61 4.30 -8.59
CA ASP A 72 -24.07 5.60 -8.94
C ASP A 72 -22.65 5.57 -9.51
N TYR A 73 -22.04 4.37 -9.52
CA TYR A 73 -20.70 4.15 -10.03
C TYR A 73 -19.61 4.96 -9.28
N ALA A 74 -19.90 5.35 -8.04
CA ALA A 74 -18.97 6.21 -7.31
C ALA A 74 -17.61 5.54 -7.07
N GLU A 75 -17.62 4.22 -6.96
CA GLU A 75 -16.38 3.47 -6.65
C GLU A 75 -15.58 3.11 -7.90
N ALA A 76 -16.05 3.48 -9.09
CA ALA A 76 -15.39 3.10 -10.34
C ALA A 76 -14.28 4.05 -10.74
N LEU A 77 -13.35 3.52 -11.51
CA LEU A 77 -12.33 4.30 -12.18
C LEU A 77 -12.94 4.96 -13.40
N LYS A 78 -12.71 6.25 -13.56
CA LYS A 78 -13.36 7.02 -14.62
C LYS A 78 -12.38 7.74 -15.54
N GLN A 79 -11.10 7.42 -15.45
CA GLN A 79 -10.12 8.03 -16.32
C GLN A 79 -10.45 7.73 -17.78
N PRO A 80 -10.14 8.67 -18.67
CA PRO A 80 -10.26 8.41 -20.09
C PRO A 80 -9.36 7.26 -20.55
N VAL A 81 -9.92 6.40 -21.38
CA VAL A 81 -9.19 5.30 -22.02
C VAL A 81 -9.70 5.19 -23.45
N ASP A 82 -8.94 4.52 -24.30
CA ASP A 82 -9.33 4.34 -25.71
C ASP A 82 -10.55 3.49 -25.90
N ALA A 83 -10.73 2.48 -25.05
CA ALA A 83 -11.79 1.48 -25.19
C ALA A 83 -12.57 1.38 -23.87
N PRO A 84 -13.38 2.39 -23.58
CA PRO A 84 -14.10 2.43 -22.30
C PRO A 84 -15.22 1.40 -22.22
N SER A 85 -15.53 0.97 -21.00
CA SER A 85 -16.69 0.13 -20.71
C SER A 85 -17.86 1.07 -20.38
N PRO A 86 -19.05 0.80 -20.91
CA PRO A 86 -20.22 1.67 -20.69
C PRO A 86 -20.70 1.64 -19.24
N ALA A 87 -21.06 2.79 -18.68
CA ALA A 87 -21.65 2.86 -17.35
C ALA A 87 -23.15 2.55 -17.40
N LYS A 88 -23.49 1.34 -17.85
CA LYS A 88 -24.87 0.88 -17.95
C LYS A 88 -25.35 0.34 -16.61
N VAL A 89 -26.66 0.30 -16.42
CA VAL A 89 -27.20 -0.35 -15.22
C VAL A 89 -26.76 -1.81 -15.18
N LEU A 90 -26.23 -2.25 -14.03
CA LEU A 90 -25.78 -3.62 -13.91
C LEU A 90 -26.98 -4.57 -13.90
N PRO A 91 -26.87 -5.72 -14.54
CA PRO A 91 -27.97 -6.70 -14.45
C PRO A 91 -28.17 -7.15 -13.03
N GLU A 92 -29.38 -7.55 -12.70
CA GLU A 92 -29.72 -7.90 -11.34
C GLU A 92 -28.95 -9.12 -10.84
N ASN A 93 -28.49 -9.96 -11.76
CA ASN A 93 -27.70 -11.14 -11.40
C ASN A 93 -26.20 -10.87 -11.29
N TRP A 94 -25.80 -9.61 -11.39
CA TRP A 94 -24.39 -9.26 -11.54
C TRP A 94 -23.47 -9.96 -10.53
N TRP A 95 -23.86 -9.90 -9.27
CA TRP A 95 -23.02 -10.37 -8.17
C TRP A 95 -23.25 -11.85 -7.82
N GLN A 96 -24.23 -12.51 -8.43
CA GLN A 96 -24.62 -13.84 -7.98
C GLN A 96 -23.50 -14.86 -8.19
N HIS A 97 -23.19 -15.63 -7.16
CA HIS A 97 -22.32 -16.79 -7.29
C HIS A 97 -23.06 -17.92 -8.03
N PRO A 98 -22.52 -18.48 -9.11
CA PRO A 98 -23.11 -19.71 -9.68
C PRO A 98 -23.17 -20.83 -8.65
N ALA A 99 -24.28 -21.58 -8.64
CA ALA A 99 -24.47 -22.67 -7.67
C ALA A 99 -23.32 -23.68 -7.64
N ALA A 100 -22.71 -23.93 -8.80
CA ALA A 100 -21.66 -24.95 -8.90
C ALA A 100 -20.38 -24.60 -8.16
N LEU A 101 -20.22 -23.35 -7.73
CA LEU A 101 -19.13 -23.02 -6.82
C LEU A 101 -19.27 -23.62 -5.45
N GLY A 102 -20.50 -23.97 -5.05
CA GLY A 102 -20.75 -24.53 -3.75
C GLY A 102 -20.47 -23.55 -2.61
N THR A 103 -20.75 -22.28 -2.86
CA THR A 103 -20.50 -21.22 -1.87
C THR A 103 -21.06 -21.60 -0.50
N THR A 104 -20.20 -21.54 0.51
CA THR A 104 -20.60 -21.78 1.91
C THR A 104 -20.26 -20.56 2.73
N ASP A 105 -20.78 -20.51 3.95
CA ASP A 105 -20.58 -19.35 4.79
C ASP A 105 -19.14 -19.13 5.21
N SER A 106 -18.33 -20.20 5.24
CA SER A 106 -16.93 -20.09 5.63
C SER A 106 -16.06 -19.50 4.52
N ASP A 107 -16.54 -19.50 3.28
CA ASP A 107 -15.81 -18.86 2.18
C ASP A 107 -15.69 -17.38 2.47
N ILE A 108 -14.52 -16.82 2.17
CA ILE A 108 -14.23 -15.42 2.44
C ILE A 108 -14.56 -14.59 1.21
N GLU A 109 -15.53 -13.71 1.34
CA GLU A 109 -15.97 -12.87 0.25
C GLU A 109 -15.11 -11.61 0.16
N ILE A 110 -14.48 -11.41 -0.99
CA ILE A 110 -13.69 -10.22 -1.29
C ILE A 110 -14.44 -9.40 -2.32
N ILE A 111 -14.56 -8.11 -2.11
CA ILE A 111 -15.22 -7.19 -3.05
C ILE A 111 -14.17 -6.23 -3.58
N LYS A 112 -13.95 -6.23 -4.88
CA LYS A 112 -13.02 -5.30 -5.52
C LYS A 112 -13.74 -4.40 -6.51
N ARG A 113 -13.07 -3.30 -6.84
CA ARG A 113 -13.67 -2.22 -7.63
C ARG A 113 -12.91 -1.96 -8.92
N GLN A 114 -12.01 -2.87 -9.30
CA GLN A 114 -11.23 -2.79 -10.52
C GLN A 114 -10.67 -4.18 -10.84
N TRP A 115 -9.73 -4.26 -11.77
CA TRP A 115 -9.21 -5.54 -12.22
C TRP A 115 -8.52 -6.35 -11.11
N GLY A 116 -7.53 -5.77 -10.48
CA GLY A 116 -6.72 -6.45 -9.49
C GLY A 116 -7.46 -6.57 -8.17
N ALA A 117 -7.23 -7.69 -7.48
CA ALA A 117 -7.98 -8.01 -6.26
C ALA A 117 -7.35 -7.52 -4.95
N PHE A 118 -6.27 -6.77 -5.01
CA PHE A 118 -5.60 -6.26 -3.81
C PHE A 118 -5.96 -4.81 -3.51
N TYR A 119 -5.98 -3.95 -4.52
CA TYR A 119 -6.17 -2.53 -4.25
C TYR A 119 -7.56 -2.29 -3.67
N GLY A 120 -7.61 -1.64 -2.51
CA GLY A 120 -8.86 -1.35 -1.86
C GLY A 120 -9.57 -2.53 -1.23
N THR A 121 -8.88 -3.67 -1.08
CA THR A 121 -9.49 -4.83 -0.45
C THR A 121 -8.71 -5.28 0.77
N ASP A 122 -9.23 -6.31 1.42
CA ASP A 122 -8.58 -6.98 2.53
C ASP A 122 -7.87 -8.27 2.11
N LEU A 123 -7.62 -8.49 0.83
CA LEU A 123 -7.04 -9.76 0.42
C LEU A 123 -5.66 -10.00 1.00
N GLU A 124 -4.77 -9.01 0.92
CA GLU A 124 -3.43 -9.16 1.48
C GLU A 124 -3.48 -9.37 3.01
N LEU A 125 -4.30 -8.58 3.68
CA LEU A 125 -4.50 -8.67 5.12
C LEU A 125 -4.90 -10.11 5.48
N GLN A 126 -5.86 -10.67 4.75
CA GLN A 126 -6.38 -11.98 5.05
C GLN A 126 -5.32 -13.03 4.81
N LEU A 127 -4.61 -12.93 3.70
CA LEU A 127 -3.60 -13.92 3.38
C LEU A 127 -2.50 -13.92 4.44
N ARG A 128 -1.98 -12.75 4.77
CA ARG A 128 -0.85 -12.70 5.70
C ARG A 128 -1.28 -13.15 7.10
N ARG A 129 -2.42 -12.69 7.56
CA ARG A 129 -2.84 -12.98 8.94
C ARG A 129 -3.25 -14.43 9.11
N ARG A 130 -3.59 -15.10 8.01
CA ARG A 130 -3.90 -16.53 8.02
C ARG A 130 -2.66 -17.41 7.74
N GLY A 131 -1.50 -16.80 7.58
CA GLY A 131 -0.26 -17.56 7.37
C GLY A 131 -0.14 -18.21 6.00
N ILE A 132 -0.74 -17.58 4.98
CA ILE A 132 -0.73 -18.13 3.64
C ILE A 132 0.43 -17.56 2.87
N ASP A 133 1.27 -18.43 2.31
CA ASP A 133 2.33 -17.98 1.40
C ASP A 133 2.15 -18.37 -0.06
N THR A 134 1.14 -19.19 -0.36
CA THR A 134 0.91 -19.70 -1.71
C THR A 134 -0.57 -19.55 -2.08
N ILE A 135 -0.80 -19.05 -3.29
CA ILE A 135 -2.14 -18.82 -3.82
C ILE A 135 -2.33 -19.67 -5.07
N VAL A 136 -3.41 -20.46 -5.11
CA VAL A 136 -3.88 -21.06 -6.34
C VAL A 136 -4.92 -20.10 -6.92
N LEU A 137 -4.65 -19.61 -8.13
CA LEU A 137 -5.45 -18.56 -8.74
C LEU A 137 -6.23 -19.11 -9.92
N CYS A 138 -7.48 -18.69 -10.06
CA CYS A 138 -8.32 -19.07 -11.19
C CYS A 138 -9.35 -17.98 -11.40
N GLY A 139 -10.05 -18.07 -12.53
CA GLY A 139 -11.21 -17.24 -12.79
C GLY A 139 -11.18 -16.55 -14.16
N ILE A 140 -11.93 -15.47 -14.26
CA ILE A 140 -12.15 -14.74 -15.51
C ILE A 140 -11.85 -13.27 -15.25
N SER A 141 -11.05 -12.57 -16.08
CA SER A 141 -10.44 -13.03 -17.31
C SER A 141 -8.94 -13.23 -17.13
N THR A 142 -8.42 -14.23 -17.81
CA THR A 142 -7.03 -14.63 -17.71
C THR A 142 -6.06 -13.48 -17.82
N ASN A 143 -6.24 -12.63 -18.82
CA ASN A 143 -5.29 -11.54 -19.07
C ASN A 143 -5.72 -10.20 -18.50
N ILE A 144 -6.84 -10.15 -17.80
CA ILE A 144 -7.37 -8.91 -17.26
C ILE A 144 -7.28 -8.96 -15.73
N GLY A 145 -8.36 -9.27 -15.03
CA GLY A 145 -8.34 -9.27 -13.57
C GLY A 145 -7.51 -10.39 -12.96
N VAL A 146 -7.50 -11.57 -13.57
CA VAL A 146 -6.66 -12.65 -13.06
C VAL A 146 -5.21 -12.21 -13.15
N GLU A 147 -4.82 -11.65 -14.28
CA GLU A 147 -3.42 -11.24 -14.48
C GLU A 147 -3.02 -10.04 -13.61
N SER A 148 -3.89 -9.07 -13.42
CA SER A 148 -3.53 -7.93 -12.56
C SER A 148 -3.34 -8.43 -11.14
N THR A 149 -4.19 -9.34 -10.71
CA THR A 149 -4.07 -9.95 -9.38
C THR A 149 -2.76 -10.71 -9.26
N ALA A 150 -2.42 -11.49 -10.27
CA ALA A 150 -1.21 -12.32 -10.23
C ALA A 150 0.04 -11.45 -10.19
N ARG A 151 0.11 -10.44 -11.04
CA ARG A 151 1.27 -9.54 -11.07
C ARG A 151 1.45 -8.90 -9.69
N ASN A 152 0.37 -8.44 -9.07
CA ASN A 152 0.43 -7.85 -7.73
C ASN A 152 0.90 -8.88 -6.70
N ALA A 153 0.28 -10.05 -6.71
CA ALA A 153 0.60 -11.08 -5.71
C ALA A 153 2.06 -11.48 -5.77
N TRP A 154 2.61 -11.59 -6.97
CA TRP A 154 4.02 -11.94 -7.15
C TRP A 154 4.91 -10.85 -6.57
N GLU A 155 4.62 -9.58 -6.84
CA GLU A 155 5.45 -8.51 -6.29
C GLU A 155 5.40 -8.46 -4.76
N LEU A 156 4.26 -8.86 -4.19
CA LEU A 156 4.07 -8.93 -2.74
C LEU A 156 4.75 -10.14 -2.12
N GLY A 157 5.28 -11.04 -2.93
CA GLY A 157 6.08 -12.14 -2.42
C GLY A 157 5.37 -13.47 -2.28
N PHE A 158 4.10 -13.54 -2.69
CA PHE A 158 3.36 -14.81 -2.60
C PHE A 158 3.80 -15.73 -3.71
N ASN A 159 3.83 -17.02 -3.43
CA ASN A 159 4.03 -18.02 -4.47
C ASN A 159 2.71 -18.19 -5.20
N LEU A 160 2.77 -18.36 -6.52
CA LEU A 160 1.56 -18.45 -7.33
C LEU A 160 1.50 -19.76 -8.09
N VAL A 161 0.32 -20.35 -8.11
CA VAL A 161 0.03 -21.48 -8.97
C VAL A 161 -1.23 -21.10 -9.75
N ILE A 162 -1.13 -21.10 -11.08
CA ILE A 162 -2.27 -20.74 -11.93
C ILE A 162 -2.91 -22.04 -12.39
N ALA A 163 -4.20 -22.15 -12.15
CA ALA A 163 -4.99 -23.28 -12.65
C ALA A 163 -5.43 -22.93 -14.06
N GLU A 164 -4.61 -23.32 -15.03
CA GLU A 164 -4.75 -22.85 -16.42
C GLU A 164 -6.11 -23.15 -17.00
N ASP A 165 -6.61 -24.34 -16.72
CA ASP A 165 -7.88 -24.78 -17.28
C ASP A 165 -9.09 -24.35 -16.47
N ALA A 166 -8.86 -23.58 -15.39
CA ALA A 166 -9.93 -22.88 -14.69
C ALA A 166 -9.80 -21.39 -14.87
N CYS A 167 -9.25 -20.99 -16.00
CA CYS A 167 -9.20 -19.59 -16.43
C CYS A 167 -9.74 -19.47 -17.85
N SER A 168 -10.32 -18.32 -18.18
CA SER A 168 -10.75 -18.04 -19.56
C SER A 168 -10.57 -16.55 -19.81
N ALA A 169 -10.35 -16.20 -21.07
CA ALA A 169 -10.24 -14.80 -21.50
C ALA A 169 -11.23 -14.52 -22.62
N ALA A 170 -11.20 -13.29 -23.12
CA ALA A 170 -12.10 -12.90 -24.20
C ALA A 170 -11.86 -13.75 -25.45
N SER A 171 -10.63 -14.22 -25.63
CA SER A 171 -10.30 -15.13 -26.72
C SER A 171 -9.22 -16.10 -26.27
N ALA A 172 -9.14 -17.23 -26.94
CA ALA A 172 -8.07 -18.19 -26.69
C ALA A 172 -6.73 -17.52 -26.92
N GLU A 173 -6.59 -16.69 -27.94
CA GLU A 173 -5.30 -16.07 -28.22
C GLU A 173 -4.81 -15.23 -27.04
N GLN A 174 -5.72 -14.47 -26.45
CA GLN A 174 -5.35 -13.61 -25.33
C GLN A 174 -5.02 -14.44 -24.08
N HIS A 175 -5.78 -15.49 -23.79
CA HIS A 175 -5.47 -16.41 -22.70
C HIS A 175 -4.12 -17.04 -22.92
N ASN A 176 -3.90 -17.59 -24.10
CA ASN A 176 -2.65 -18.26 -24.41
C ASN A 176 -1.45 -17.32 -24.35
N ASN A 177 -1.59 -16.07 -24.79
CA ASN A 177 -0.47 -15.15 -24.73
C ASN A 177 0.02 -14.98 -23.29
N SER A 178 -0.92 -14.81 -22.34
CA SER A 178 -0.52 -14.65 -20.95
C SER A 178 0.03 -15.93 -20.37
N ILE A 179 -0.64 -17.05 -20.64
CA ILE A 179 -0.16 -18.35 -20.16
C ILE A 179 1.22 -18.70 -20.68
N ASN A 180 1.56 -18.30 -21.90
CA ASN A 180 2.84 -18.64 -22.51
C ASN A 180 3.93 -17.64 -22.15
N HIS A 181 3.61 -16.36 -22.01
CA HIS A 181 4.63 -15.33 -21.92
C HIS A 181 4.70 -14.58 -20.60
N ILE A 182 3.65 -14.59 -19.81
CA ILE A 182 3.64 -13.83 -18.56
C ILE A 182 3.66 -14.75 -17.36
N TYR A 183 2.65 -15.61 -17.24
CA TYR A 183 2.50 -16.45 -16.09
C TYR A 183 3.73 -17.32 -15.80
N PRO A 184 4.44 -17.88 -16.79
CA PRO A 184 5.60 -18.72 -16.44
C PRO A 184 6.69 -17.97 -15.68
N ARG A 185 6.76 -16.67 -15.84
CA ARG A 185 7.80 -15.85 -15.15
C ARG A 185 7.43 -15.47 -13.72
N ILE A 186 6.17 -15.62 -13.33
CA ILE A 186 5.69 -15.19 -12.02
C ILE A 186 4.96 -16.30 -11.26
N ALA A 187 4.85 -17.49 -11.84
CA ALA A 187 4.01 -18.52 -11.31
C ALA A 187 4.42 -19.89 -11.84
N ARG A 188 3.84 -20.92 -11.21
CA ARG A 188 3.79 -22.25 -11.79
C ARG A 188 2.41 -22.44 -12.39
N VAL A 189 2.39 -22.84 -13.65
CA VAL A 189 1.15 -23.01 -14.41
C VAL A 189 0.85 -24.51 -14.47
N ARG A 190 -0.30 -24.89 -13.95
CA ARG A 190 -0.68 -26.30 -13.81
C ARG A 190 -2.15 -26.48 -14.13
N SER A 191 -2.56 -27.74 -14.35
CA SER A 191 -3.94 -28.09 -14.55
C SER A 191 -4.66 -28.30 -13.24
N VAL A 192 -5.98 -28.23 -13.27
CA VAL A 192 -6.80 -28.52 -12.10
C VAL A 192 -6.49 -29.92 -11.56
N GLU A 193 -6.29 -30.89 -12.46
CA GLU A 193 -5.92 -32.29 -12.11
C GLU A 193 -4.68 -32.30 -11.23
N GLU A 194 -3.65 -31.64 -11.73
CA GLU A 194 -2.35 -31.61 -11.07
C GLU A 194 -2.47 -30.94 -9.70
N ILE A 195 -3.23 -29.84 -9.63
CA ILE A 195 -3.39 -29.11 -8.39
C ILE A 195 -4.15 -29.93 -7.36
N LEU A 196 -5.28 -30.51 -7.76
CA LEU A 196 -6.05 -31.40 -6.89
C LEU A 196 -5.18 -32.56 -6.36
N ASN A 197 -4.37 -33.14 -7.24
CA ASN A 197 -3.45 -34.24 -6.87
C ASN A 197 -2.39 -33.80 -5.85
N ALA A 198 -2.04 -32.51 -5.87
CA ALA A 198 -0.98 -31.95 -5.03
C ALA A 198 -1.46 -31.55 -3.64
N LEU A 199 -2.77 -31.45 -3.43
CA LEU A 199 -3.34 -30.92 -2.20
C LEU A 199 -3.74 -32.00 -1.22
N LEU B 15 -4.49 16.64 -23.05
CA LEU B 15 -4.40 16.45 -21.57
C LEU B 15 -4.06 17.75 -20.85
N ASN B 16 -4.17 17.70 -19.53
CA ASN B 16 -3.76 18.81 -18.68
C ASN B 16 -2.26 18.70 -18.42
N ALA B 17 -1.46 19.43 -19.20
CA ALA B 17 0.00 19.37 -19.09
C ALA B 17 0.51 19.73 -17.70
N LYS B 18 -0.16 20.67 -17.02
CA LYS B 18 0.26 21.13 -15.69
C LYS B 18 0.17 20.04 -14.63
N THR B 19 -0.53 18.95 -14.93
CA THR B 19 -0.64 17.87 -13.96
C THR B 19 -0.17 16.54 -14.56
N THR B 20 0.75 16.58 -15.52
CA THR B 20 1.23 15.36 -16.20
C THR B 20 2.71 15.08 -15.85
N ALA B 21 3.06 13.81 -15.68
CA ALA B 21 4.44 13.39 -15.45
C ALA B 21 4.85 12.36 -16.50
N LEU B 22 6.14 12.26 -16.75
CA LEU B 22 6.69 11.27 -17.66
C LEU B 22 7.36 10.19 -16.83
N VAL B 23 7.04 8.93 -17.11
CA VAL B 23 7.67 7.80 -16.42
C VAL B 23 8.34 6.95 -17.48
N VAL B 24 9.65 6.84 -17.36
CA VAL B 24 10.51 6.17 -18.32
C VAL B 24 11.07 4.89 -17.70
N ILE B 25 10.63 3.74 -18.21
CA ILE B 25 10.95 2.46 -17.60
C ILE B 25 12.22 1.82 -18.15
N ASP B 26 13.22 1.75 -17.30
CA ASP B 26 14.39 0.87 -17.45
C ASP B 26 15.23 1.13 -18.67
N LEU B 27 15.42 2.40 -19.02
CA LEU B 27 16.31 2.76 -20.10
C LEU B 27 17.71 2.89 -19.52
N GLN B 28 18.33 1.73 -19.43
CA GLN B 28 19.63 1.50 -18.83
C GLN B 28 20.31 0.45 -19.70
N GLU B 29 21.64 0.49 -19.78
CA GLU B 29 22.35 -0.36 -20.74
C GLU B 29 22.11 -1.83 -20.50
N GLY B 30 21.91 -2.25 -19.26
CA GLY B 30 21.67 -3.66 -18.97
C GLY B 30 20.41 -4.22 -19.64
N ILE B 31 19.41 -3.36 -19.83
CA ILE B 31 18.09 -3.75 -20.30
C ILE B 31 17.93 -3.59 -21.80
N LEU B 32 18.67 -2.66 -22.41
CA LEU B 32 18.50 -2.41 -23.83
C LEU B 32 18.60 -3.65 -24.73
N PRO B 33 19.48 -4.61 -24.46
CA PRO B 33 19.55 -5.81 -25.31
C PRO B 33 18.24 -6.61 -25.36
N PHE B 34 17.35 -6.43 -24.39
CA PHE B 34 16.09 -7.16 -24.35
C PHE B 34 15.00 -6.57 -25.26
N ALA B 35 15.25 -5.42 -25.88
CA ALA B 35 14.30 -4.82 -26.83
C ALA B 35 14.40 -5.52 -28.19
N GLY B 36 13.64 -6.59 -28.38
CA GLY B 36 13.61 -7.31 -29.64
C GLY B 36 12.69 -6.71 -30.69
N GLY B 37 11.62 -6.03 -30.29
CA GLY B 37 10.73 -5.40 -31.23
C GLY B 37 9.49 -4.85 -30.59
N PRO B 38 8.76 -4.00 -31.31
CA PRO B 38 9.05 -3.63 -32.71
C PRO B 38 10.08 -2.52 -32.87
N HIS B 39 10.24 -1.69 -31.85
CA HIS B 39 11.12 -0.53 -31.98
C HIS B 39 12.50 -0.81 -31.42
N THR B 40 13.53 -0.17 -31.96
CA THR B 40 14.87 -0.45 -31.44
C THR B 40 15.07 0.25 -30.09
N ALA B 41 16.05 -0.24 -29.35
CA ALA B 41 16.47 0.41 -28.12
C ALA B 41 16.89 1.85 -28.41
N ASP B 42 17.62 2.09 -29.48
CA ASP B 42 18.04 3.44 -29.79
C ASP B 42 16.84 4.37 -30.06
N GLU B 43 15.83 3.87 -30.78
CA GLU B 43 14.61 4.64 -31.02
C GLU B 43 13.88 4.97 -29.72
N VAL B 44 13.69 3.96 -28.88
CA VAL B 44 13.01 4.14 -27.61
C VAL B 44 13.75 5.20 -26.77
N VAL B 45 15.06 5.11 -26.71
CA VAL B 45 15.87 6.04 -25.94
C VAL B 45 15.78 7.45 -26.52
N ASN B 46 15.93 7.60 -27.83
CA ASN B 46 15.84 8.91 -28.46
C ASN B 46 14.49 9.56 -28.24
N ARG B 47 13.43 8.79 -28.40
CA ARG B 47 12.08 9.29 -28.28
C ARG B 47 11.70 9.62 -26.83
N ALA B 48 12.13 8.76 -25.90
CA ALA B 48 11.97 9.08 -24.46
C ALA B 48 12.72 10.38 -24.14
N GLY B 49 13.89 10.56 -24.75
CA GLY B 49 14.66 11.79 -24.57
C GLY B 49 13.96 13.02 -25.08
N LYS B 50 13.27 12.89 -26.21
CA LYS B 50 12.49 13.99 -26.78
C LYS B 50 11.29 14.32 -25.89
N LEU B 51 10.58 13.29 -25.42
CA LEU B 51 9.52 13.50 -24.44
C LEU B 51 10.04 14.20 -23.21
N ALA B 52 11.16 13.76 -22.67
CA ALA B 52 11.70 14.33 -21.44
C ALA B 52 12.01 15.81 -21.65
N ALA B 53 12.62 16.16 -22.78
CA ALA B 53 12.93 17.57 -23.04
C ALA B 53 11.68 18.43 -23.06
N LYS B 54 10.59 17.92 -23.62
CA LYS B 54 9.33 18.66 -23.63
C LYS B 54 8.76 18.84 -22.22
N PHE B 55 8.81 17.76 -21.43
CA PHE B 55 8.34 17.80 -20.06
C PHE B 55 9.15 18.83 -19.26
N ARG B 56 10.46 18.84 -19.41
CA ARG B 56 11.30 19.75 -18.64
C ARG B 56 11.02 21.20 -19.00
N ALA B 57 10.71 21.47 -20.27
CA ALA B 57 10.43 22.84 -20.71
C ALA B 57 9.15 23.38 -20.06
N SER B 58 8.26 22.48 -19.65
CA SER B 58 7.05 22.91 -18.97
C SER B 58 7.03 22.58 -17.49
N GLY B 59 8.18 22.26 -16.93
CA GLY B 59 8.32 22.03 -15.49
C GLY B 59 7.59 20.83 -14.96
N GLN B 60 7.32 19.86 -15.82
CA GLN B 60 6.60 18.67 -15.41
C GLN B 60 7.62 17.59 -15.06
N PRO B 61 7.34 16.81 -14.03
CA PRO B 61 8.35 15.86 -13.56
C PRO B 61 8.66 14.74 -14.55
N VAL B 62 9.92 14.37 -14.57
CA VAL B 62 10.42 13.27 -15.36
C VAL B 62 11.01 12.24 -14.38
N PHE B 63 10.42 11.05 -14.39
CA PHE B 63 10.85 9.95 -13.55
C PHE B 63 11.60 8.97 -14.42
N LEU B 64 12.84 8.73 -14.07
CA LEU B 64 13.67 7.76 -14.77
C LEU B 64 13.84 6.57 -13.86
N VAL B 65 13.18 5.50 -14.25
CA VAL B 65 13.13 4.29 -13.45
C VAL B 65 14.20 3.32 -13.93
N ARG B 66 14.89 2.68 -12.99
CA ARG B 66 15.81 1.60 -13.31
C ARG B 66 15.57 0.42 -12.38
N VAL B 67 15.94 -0.74 -12.84
CA VAL B 67 15.71 -2.00 -12.14
C VAL B 67 17.04 -2.68 -11.86
N GLY B 68 17.14 -3.35 -10.73
CA GLY B 68 18.33 -4.13 -10.44
C GLY B 68 18.42 -4.48 -8.97
N TRP B 69 19.53 -5.12 -8.61
CA TRP B 69 19.71 -5.78 -7.31
C TRP B 69 21.17 -5.67 -6.95
N SER B 70 21.46 -5.76 -5.66
CA SER B 70 22.83 -5.89 -5.20
C SER B 70 23.38 -7.24 -5.65
N ALA B 71 24.70 -7.38 -5.51
CA ALA B 71 25.40 -8.58 -5.94
C ALA B 71 24.85 -9.87 -5.29
N ASP B 72 24.37 -9.77 -4.05
CA ASP B 72 23.80 -10.93 -3.37
C ASP B 72 22.33 -11.19 -3.70
N TYR B 73 21.75 -10.38 -4.58
CA TYR B 73 20.34 -10.49 -4.97
C TYR B 73 19.36 -10.47 -3.79
N ALA B 74 19.74 -9.82 -2.69
CA ALA B 74 18.89 -9.85 -1.50
C ALA B 74 17.52 -9.22 -1.75
N GLU B 75 17.48 -8.21 -2.62
CA GLU B 75 16.25 -7.46 -2.87
C GLU B 75 15.36 -8.10 -3.90
N ALA B 76 15.76 -9.22 -4.49
CA ALA B 76 15.02 -9.85 -5.58
C ALA B 76 13.92 -10.79 -5.08
N LEU B 77 12.88 -10.95 -5.88
CA LEU B 77 11.88 -11.97 -5.64
C LEU B 77 12.46 -13.34 -5.96
N LYS B 78 12.12 -14.33 -5.15
CA LYS B 78 12.74 -15.65 -5.25
C LYS B 78 11.75 -16.81 -5.27
N GLN B 79 10.45 -16.54 -5.38
CA GLN B 79 9.47 -17.61 -5.45
C GLN B 79 9.75 -18.50 -6.62
N PRO B 80 9.42 -19.79 -6.51
CA PRO B 80 9.52 -20.70 -7.65
C PRO B 80 8.53 -20.30 -8.75
N VAL B 81 9.02 -20.34 -9.98
CA VAL B 81 8.24 -20.07 -11.17
C VAL B 81 8.69 -21.03 -12.28
N ASP B 82 7.90 -21.16 -13.33
CA ASP B 82 8.23 -22.13 -14.39
C ASP B 82 9.41 -21.69 -15.25
N ALA B 83 9.60 -20.38 -15.42
CA ALA B 83 10.63 -19.80 -16.28
C ALA B 83 11.41 -18.74 -15.52
N PRO B 84 12.27 -19.17 -14.60
CA PRO B 84 13.03 -18.22 -13.77
C PRO B 84 14.12 -17.49 -14.54
N SER B 85 14.50 -16.31 -14.05
CA SER B 85 15.64 -15.58 -14.60
C SER B 85 16.87 -15.98 -13.80
N PRO B 86 18.00 -16.18 -14.45
CA PRO B 86 19.21 -16.61 -13.75
C PRO B 86 19.86 -15.49 -12.93
N ALA B 87 20.38 -15.83 -11.74
CA ALA B 87 21.03 -14.83 -10.89
C ALA B 87 22.48 -14.68 -11.31
N LYS B 88 22.67 -13.98 -12.42
CA LYS B 88 23.97 -13.80 -13.04
C LYS B 88 24.62 -12.55 -12.47
N VAL B 89 25.93 -12.48 -12.57
CA VAL B 89 26.64 -11.26 -12.17
C VAL B 89 26.24 -10.19 -13.18
N LEU B 90 25.71 -9.08 -12.68
CA LEU B 90 25.29 -8.00 -13.56
C LEU B 90 26.51 -7.33 -14.18
N PRO B 91 26.42 -6.96 -15.45
CA PRO B 91 27.53 -6.29 -16.12
C PRO B 91 27.80 -4.91 -15.53
N GLU B 92 29.02 -4.43 -15.73
CA GLU B 92 29.45 -3.14 -15.19
C GLU B 92 28.53 -2.02 -15.61
N ASN B 93 28.02 -2.09 -16.82
CA ASN B 93 27.18 -1.04 -17.37
C ASN B 93 25.69 -1.18 -17.06
N TRP B 94 25.31 -2.11 -16.18
CA TRP B 94 23.92 -2.49 -16.02
C TRP B 94 22.98 -1.30 -15.80
N TRP B 95 23.38 -0.41 -14.90
CA TRP B 95 22.55 0.70 -14.47
C TRP B 95 22.71 1.96 -15.31
N GLN B 96 23.60 1.96 -16.29
CA GLN B 96 23.95 3.20 -16.98
C GLN B 96 22.82 3.71 -17.87
N HIS B 97 22.32 4.92 -17.65
CA HIS B 97 21.40 5.53 -18.61
C HIS B 97 22.20 5.85 -19.87
N PRO B 98 21.69 5.50 -21.05
CA PRO B 98 22.39 5.83 -22.30
C PRO B 98 22.44 7.34 -22.51
N ALA B 99 23.55 7.80 -23.09
CA ALA B 99 23.75 9.24 -23.33
C ALA B 99 22.59 9.93 -24.04
N ALA B 100 22.01 9.24 -25.03
CA ALA B 100 20.98 9.83 -25.86
C ALA B 100 19.66 10.07 -25.14
N LEU B 101 19.49 9.51 -23.94
CA LEU B 101 18.34 9.83 -23.12
C LEU B 101 18.35 11.28 -22.66
N GLY B 102 19.53 11.89 -22.58
CA GLY B 102 19.63 13.28 -22.14
C GLY B 102 19.28 13.46 -20.67
N THR B 103 19.66 12.49 -19.84
CA THR B 103 19.44 12.55 -18.38
C THR B 103 20.03 13.84 -17.83
N THR B 104 19.33 14.47 -16.90
CA THR B 104 19.89 15.62 -16.21
C THR B 104 19.47 15.55 -14.74
N ASP B 105 20.14 16.35 -13.92
CA ASP B 105 19.99 16.26 -12.46
C ASP B 105 18.54 16.49 -11.96
N SER B 106 17.76 17.32 -12.64
CA SER B 106 16.38 17.58 -12.19
C SER B 106 15.46 16.37 -12.37
N ASP B 107 15.82 15.43 -13.24
CA ASP B 107 15.05 14.19 -13.39
C ASP B 107 15.09 13.43 -12.07
N ILE B 108 13.98 12.77 -11.77
CA ILE B 108 13.83 12.04 -10.52
C ILE B 108 14.17 10.58 -10.75
N GLU B 109 15.25 10.09 -10.16
CA GLU B 109 15.64 8.72 -10.35
C GLU B 109 14.88 7.83 -9.37
N ILE B 110 14.26 6.79 -9.91
CA ILE B 110 13.53 5.77 -9.15
C ILE B 110 14.25 4.44 -9.33
N ILE B 111 14.49 3.72 -8.25
CA ILE B 111 15.07 2.38 -8.30
C ILE B 111 14.02 1.38 -7.87
N LYS B 112 13.75 0.42 -8.74
CA LYS B 112 12.79 -0.66 -8.45
C LYS B 112 13.49 -2.01 -8.45
N ARG B 113 12.83 -2.99 -7.84
CA ARG B 113 13.42 -4.30 -7.60
C ARG B 113 12.62 -5.44 -8.22
N GLN B 114 11.66 -5.10 -9.09
CA GLN B 114 10.83 -6.06 -9.80
C GLN B 114 10.20 -5.35 -11.01
N TRP B 115 9.24 -5.99 -11.66
CA TRP B 115 8.65 -5.44 -12.89
C TRP B 115 8.02 -4.04 -12.69
N GLY B 116 7.07 -3.93 -11.78
CA GLY B 116 6.32 -2.70 -11.58
C GLY B 116 7.10 -1.66 -10.82
N ALA B 117 6.89 -0.39 -11.15
CA ALA B 117 7.66 0.71 -10.60
C ALA B 117 7.07 1.35 -9.36
N PHE B 118 6.01 0.81 -8.79
CA PHE B 118 5.37 1.38 -7.60
C PHE B 118 5.79 0.65 -6.33
N TYR B 119 5.77 -0.68 -6.34
CA TYR B 119 6.06 -1.44 -5.12
C TYR B 119 7.49 -1.21 -4.65
N GLY B 120 7.61 -0.75 -3.43
CA GLY B 120 8.88 -0.47 -2.80
C GLY B 120 9.58 0.78 -3.27
N THR B 121 8.86 1.67 -3.97
CA THR B 121 9.47 2.92 -4.43
C THR B 121 8.71 4.11 -3.89
N ASP B 122 9.23 5.29 -4.23
CA ASP B 122 8.60 6.56 -3.94
C ASP B 122 7.82 7.13 -5.13
N LEU B 123 7.56 6.33 -6.16
CA LEU B 123 6.86 6.87 -7.34
C LEU B 123 5.50 7.45 -7.01
N GLU B 124 4.66 6.68 -6.33
CA GLU B 124 3.36 7.22 -5.96
C GLU B 124 3.44 8.47 -5.09
N LEU B 125 4.28 8.42 -4.04
CA LEU B 125 4.48 9.57 -3.17
C LEU B 125 4.82 10.81 -4.01
N GLN B 126 5.77 10.64 -4.93
CA GLN B 126 6.25 11.78 -5.68
C GLN B 126 5.14 12.31 -6.57
N LEU B 127 4.44 11.41 -7.25
CA LEU B 127 3.34 11.84 -8.11
C LEU B 127 2.28 12.61 -7.34
N ARG B 128 1.83 12.06 -6.23
CA ARG B 128 0.75 12.71 -5.49
C ARG B 128 1.17 14.04 -4.89
N ARG B 129 2.36 14.11 -4.32
CA ARG B 129 2.79 15.36 -3.69
C ARG B 129 3.13 16.44 -4.65
N ARG B 130 3.40 16.07 -5.91
CA ARG B 130 3.65 17.03 -6.98
C ARG B 130 2.36 17.38 -7.75
N GLY B 131 1.21 16.88 -7.31
CA GLY B 131 -0.07 17.25 -7.89
C GLY B 131 -0.32 16.66 -9.26
N ILE B 132 0.22 15.48 -9.54
CA ILE B 132 0.12 14.86 -10.85
C ILE B 132 -1.10 13.99 -10.91
N ASP B 133 -1.88 14.12 -11.98
CA ASP B 133 -3.00 13.19 -12.18
C ASP B 133 -2.93 12.38 -13.46
N THR B 134 -1.89 12.61 -14.27
CA THR B 134 -1.72 11.95 -15.56
C THR B 134 -0.27 11.51 -15.74
N ILE B 135 -0.09 10.30 -16.25
CA ILE B 135 1.23 9.74 -16.53
C ILE B 135 1.36 9.38 -17.99
N VAL B 136 2.42 9.84 -18.62
CA VAL B 136 2.86 9.31 -19.92
C VAL B 136 3.93 8.29 -19.62
N LEU B 137 3.70 7.06 -20.09
CA LEU B 137 4.53 5.90 -19.78
C LEU B 137 5.26 5.42 -21.04
N CYS B 138 6.53 5.08 -20.90
CA CYS B 138 7.32 4.53 -21.99
C CYS B 138 8.42 3.64 -21.43
N GLY B 139 9.13 2.93 -22.31
CA GLY B 139 10.30 2.17 -21.91
C GLY B 139 10.25 0.72 -22.33
N ILE B 140 11.05 -0.10 -21.65
CA ILE B 140 11.24 -1.51 -21.98
C ILE B 140 11.02 -2.33 -20.71
N SER B 141 10.22 -3.42 -20.71
CA SER B 141 9.59 -4.05 -21.87
C SER B 141 8.09 -3.77 -21.80
N THR B 142 7.51 -3.50 -22.96
CA THR B 142 6.10 -3.16 -23.09
C THR B 142 5.14 -4.03 -22.27
N ASN B 143 5.27 -5.35 -22.36
CA ASN B 143 4.33 -6.26 -21.71
C ASN B 143 4.82 -6.79 -20.35
N ILE B 144 5.96 -6.34 -19.88
CA ILE B 144 6.56 -6.81 -18.62
C ILE B 144 6.53 -5.66 -17.61
N GLY B 145 7.63 -4.92 -17.44
CA GLY B 145 7.67 -3.86 -16.46
C GLY B 145 6.84 -2.64 -16.82
N VAL B 146 6.77 -2.29 -18.09
CA VAL B 146 5.91 -1.19 -18.50
C VAL B 146 4.45 -1.53 -18.14
N GLU B 147 4.02 -2.73 -18.48
CA GLU B 147 2.65 -3.15 -18.25
C GLU B 147 2.30 -3.31 -16.76
N SER B 148 3.23 -3.83 -15.95
CA SER B 148 2.94 -3.93 -14.52
C SER B 148 2.75 -2.53 -13.94
N THR B 149 3.61 -1.61 -14.35
CA THR B 149 3.51 -0.22 -13.92
C THR B 149 2.18 0.42 -14.36
N ALA B 150 1.78 0.18 -15.59
CA ALA B 150 0.54 0.71 -16.14
C ALA B 150 -0.68 0.21 -15.39
N ARG B 151 -0.76 -1.09 -15.18
CA ARG B 151 -1.87 -1.70 -14.46
C ARG B 151 -1.98 -1.07 -13.07
N ASN B 152 -0.86 -0.94 -12.36
CA ASN B 152 -0.87 -0.29 -11.04
C ASN B 152 -1.34 1.18 -11.14
N ALA B 153 -0.75 1.94 -12.06
CA ALA B 153 -1.06 3.37 -12.21
C ALA B 153 -2.54 3.61 -12.43
N TRP B 154 -3.16 2.77 -13.25
CA TRP B 154 -4.58 2.91 -13.54
C TRP B 154 -5.41 2.63 -12.28
N GLU B 155 -5.09 1.56 -11.56
CA GLU B 155 -5.85 1.27 -10.33
C GLU B 155 -5.70 2.35 -9.28
N LEU B 156 -4.53 3.00 -9.23
CA LEU B 156 -4.26 4.12 -8.32
C LEU B 156 -5.00 5.39 -8.73
N GLY B 157 -5.60 5.41 -9.91
CA GLY B 157 -6.47 6.50 -10.34
C GLY B 157 -5.82 7.52 -11.26
N PHE B 158 -4.59 7.27 -11.70
CA PHE B 158 -3.92 8.17 -12.63
C PHE B 158 -4.47 7.98 -14.02
N ASN B 159 -4.66 9.09 -14.76
CA ASN B 159 -4.93 9.00 -16.19
C ASN B 159 -3.64 8.50 -16.83
N LEU B 160 -3.72 7.55 -17.75
CA LEU B 160 -2.55 6.95 -18.37
C LEU B 160 -2.52 7.19 -19.87
N VAL B 161 -1.34 7.52 -20.37
CA VAL B 161 -1.04 7.58 -21.78
C VAL B 161 0.17 6.69 -22.02
N ILE B 162 0.09 5.80 -23.00
CA ILE B 162 1.22 4.96 -23.40
C ILE B 162 1.80 5.52 -24.68
N ALA B 163 3.08 5.83 -24.68
CA ALA B 163 3.78 6.28 -25.87
C ALA B 163 4.23 5.04 -26.65
N GLU B 164 3.37 4.58 -27.57
CA GLU B 164 3.58 3.31 -28.24
C GLU B 164 4.93 3.18 -28.91
N ASP B 165 5.36 4.26 -29.56
CA ASP B 165 6.59 4.19 -30.35
C ASP B 165 7.85 4.52 -29.52
N ALA B 166 7.66 4.70 -28.22
CA ALA B 166 8.76 4.75 -27.26
C ALA B 166 8.68 3.59 -26.26
N CYS B 167 8.09 2.48 -26.71
CA CYS B 167 8.13 1.22 -25.98
C CYS B 167 8.66 0.10 -26.88
N SER B 168 9.23 -0.94 -26.28
CA SER B 168 9.60 -2.13 -27.04
C SER B 168 9.62 -3.34 -26.09
N ALA B 169 9.50 -4.55 -26.66
CA ALA B 169 9.36 -5.77 -25.89
C ALA B 169 10.28 -6.84 -26.49
N ALA B 170 10.16 -8.07 -26.02
CA ALA B 170 10.99 -9.15 -26.53
C ALA B 170 10.69 -9.41 -27.99
N SER B 171 9.45 -9.20 -28.39
CA SER B 171 9.03 -9.34 -29.78
C SER B 171 7.91 -8.38 -30.11
N ALA B 172 7.75 -8.09 -31.39
CA ALA B 172 6.66 -7.27 -31.86
C ALA B 172 5.34 -7.87 -31.44
N GLU B 173 5.23 -9.19 -31.48
CA GLU B 173 3.98 -9.85 -31.17
C GLU B 173 3.59 -9.59 -29.72
N GLN B 174 4.54 -9.69 -28.79
CA GLN B 174 4.23 -9.46 -27.38
C GLN B 174 3.89 -8.00 -27.12
N HIS B 175 4.61 -7.08 -27.75
CA HIS B 175 4.27 -5.66 -27.68
C HIS B 175 2.87 -5.38 -28.19
N ASN B 176 2.59 -5.86 -29.40
CA ASN B 176 1.32 -5.60 -30.06
C ASN B 176 0.14 -6.20 -29.29
N ASN B 177 0.29 -7.38 -28.72
CA ASN B 177 -0.82 -7.96 -27.97
C ASN B 177 -1.24 -7.05 -26.81
N SER B 178 -0.28 -6.47 -26.09
CA SER B 178 -0.61 -5.57 -25.00
C SER B 178 -1.18 -4.25 -25.52
N ILE B 179 -0.56 -3.73 -26.57
CA ILE B 179 -1.01 -2.47 -27.16
C ILE B 179 -2.44 -2.57 -27.71
N ASN B 180 -2.79 -3.73 -28.25
CA ASN B 180 -4.09 -3.93 -28.86
C ASN B 180 -5.17 -4.38 -27.88
N HIS B 181 -4.79 -5.09 -26.82
CA HIS B 181 -5.78 -5.77 -25.95
C HIS B 181 -5.81 -5.35 -24.48
N ILE B 182 -4.71 -4.82 -23.96
CA ILE B 182 -4.66 -4.41 -22.57
C ILE B 182 -4.72 -2.91 -22.44
N TYR B 183 -3.75 -2.25 -23.04
CA TYR B 183 -3.62 -0.82 -22.89
C TYR B 183 -4.84 0.00 -23.27
N PRO B 184 -5.58 -0.34 -24.33
CA PRO B 184 -6.76 0.48 -24.67
C PRO B 184 -7.80 0.55 -23.55
N ARG B 185 -7.84 -0.45 -22.69
CA ARG B 185 -8.83 -0.49 -21.60
C ARG B 185 -8.41 0.31 -20.37
N ILE B 186 -7.13 0.66 -20.27
CA ILE B 186 -6.61 1.36 -19.10
C ILE B 186 -5.90 2.65 -19.44
N ALA B 187 -5.80 2.99 -20.72
CA ALA B 187 -4.99 4.10 -21.18
C ALA B 187 -5.44 4.63 -22.51
N ARG B 188 -4.87 5.76 -22.86
CA ARG B 188 -4.87 6.26 -24.23
C ARG B 188 -3.53 5.90 -24.85
N VAL B 189 -3.55 5.20 -25.98
CA VAL B 189 -2.34 4.81 -26.68
C VAL B 189 -2.06 5.84 -27.75
N ARG B 190 -0.89 6.45 -27.72
CA ARG B 190 -0.54 7.57 -28.59
C ARG B 190 0.89 7.48 -29.07
N SER B 191 1.18 8.12 -30.18
CA SER B 191 2.55 8.28 -30.63
C SER B 191 3.25 9.40 -29.87
N VAL B 192 4.58 9.35 -29.88
CA VAL B 192 5.37 10.43 -29.31
C VAL B 192 4.96 11.78 -29.92
N GLU B 193 4.73 11.79 -31.21
CA GLU B 193 4.34 13.00 -31.91
C GLU B 193 3.02 13.56 -31.36
N GLU B 194 2.03 12.70 -31.18
CA GLU B 194 0.72 13.09 -30.63
C GLU B 194 0.82 13.59 -29.20
N ILE B 195 1.73 13.02 -28.41
CA ILE B 195 1.91 13.41 -27.02
C ILE B 195 2.57 14.78 -26.98
N LEU B 196 3.61 14.95 -27.77
CA LEU B 196 4.30 16.25 -27.84
C LEU B 196 3.31 17.36 -28.20
N ASN B 197 2.37 17.08 -29.09
CA ASN B 197 1.35 18.07 -29.52
C ASN B 197 0.31 18.40 -28.46
N ALA B 198 0.09 17.48 -27.53
CA ALA B 198 -0.91 17.66 -26.48
C ALA B 198 -0.37 18.34 -25.23
N LEU B 199 0.95 18.46 -25.12
CA LEU B 199 1.58 19.00 -23.91
C LEU B 199 1.70 20.51 -23.99
N LEU C 13 -12.27 28.45 10.35
CA LEU C 13 -11.92 27.23 9.57
C LEU C 13 -12.42 27.39 8.13
N GLU C 14 -11.49 27.25 7.20
CA GLU C 14 -11.80 27.36 5.77
C GLU C 14 -11.74 25.97 5.13
N LEU C 15 -12.90 25.48 4.70
CA LEU C 15 -13.04 24.16 4.05
C LEU C 15 -13.68 24.30 2.67
N ASN C 16 -13.27 23.46 1.72
CA ASN C 16 -14.03 23.27 0.49
C ASN C 16 -15.03 22.17 0.77
N ALA C 17 -16.27 22.56 1.04
CA ALA C 17 -17.31 21.62 1.43
C ALA C 17 -17.50 20.49 0.40
N LYS C 18 -17.37 20.84 -0.88
CA LYS C 18 -17.57 19.89 -1.97
C LYS C 18 -16.52 18.79 -2.05
N THR C 19 -15.34 19.01 -1.47
CA THR C 19 -14.29 17.99 -1.46
C THR C 19 -13.99 17.47 -0.04
N THR C 20 -14.94 17.61 0.88
CA THR C 20 -14.79 17.19 2.27
C THR C 20 -15.72 16.01 2.59
N ALA C 21 -15.19 15.04 3.32
CA ALA C 21 -15.94 13.90 3.83
C ALA C 21 -15.78 13.76 5.34
N LEU C 22 -16.74 13.08 5.94
CA LEU C 22 -16.73 12.79 7.36
C LEU C 22 -16.33 11.34 7.56
N VAL C 23 -15.41 11.12 8.50
CA VAL C 23 -14.99 9.75 8.84
C VAL C 23 -15.19 9.56 10.36
N VAL C 24 -16.06 8.62 10.71
CA VAL C 24 -16.49 8.39 12.07
C VAL C 24 -15.91 7.05 12.49
N ILE C 25 -14.99 7.08 13.44
CA ILE C 25 -14.29 5.87 13.88
C ILE C 25 -14.95 5.13 15.04
N ASP C 26 -15.46 3.93 14.74
CA ASP C 26 -15.83 2.91 15.70
C ASP C 26 -16.90 3.32 16.70
N LEU C 27 -17.87 4.11 16.24
CA LEU C 27 -19.01 4.44 17.08
C LEU C 27 -20.03 3.31 16.88
N GLN C 28 -19.77 2.26 17.64
CA GLN C 28 -20.50 1.00 17.62
C GLN C 28 -20.68 0.62 19.07
N GLU C 29 -21.75 -0.09 19.40
CA GLU C 29 -22.09 -0.31 20.80
C GLU C 29 -21.01 -1.05 21.57
N GLY C 30 -20.26 -1.92 20.90
CA GLY C 30 -19.19 -2.66 21.58
C GLY C 30 -18.04 -1.78 22.04
N ILE C 31 -17.82 -0.66 21.35
CA ILE C 31 -16.70 0.23 21.61
C ILE C 31 -17.04 1.37 22.60
N LEU C 32 -18.30 1.76 22.69
CA LEU C 32 -18.69 2.90 23.54
C LEU C 32 -18.21 2.80 25.00
N PRO C 33 -18.19 1.60 25.61
CA PRO C 33 -17.66 1.48 26.99
C PRO C 33 -16.21 1.92 27.16
N PHE C 34 -15.45 1.98 26.07
CA PHE C 34 -14.04 2.37 26.13
C PHE C 34 -13.81 3.89 26.11
N ALA C 35 -14.88 4.70 25.95
CA ALA C 35 -14.76 6.16 26.06
C ALA C 35 -14.59 6.55 27.53
N GLY C 36 -13.36 6.84 27.94
CA GLY C 36 -13.00 7.13 29.31
C GLY C 36 -12.92 8.62 29.61
N GLY C 37 -12.52 9.44 28.64
CA GLY C 37 -12.46 10.87 28.83
C GLY C 37 -11.65 11.59 27.79
N PRO C 38 -11.71 12.92 27.77
CA PRO C 38 -12.49 13.75 28.68
C PRO C 38 -13.95 13.89 28.21
N HIS C 39 -14.26 13.37 27.04
CA HIS C 39 -15.62 13.38 26.51
C HIS C 39 -16.27 12.02 26.70
N THR C 40 -17.55 11.98 27.08
CA THR C 40 -18.24 10.72 27.27
C THR C 40 -18.63 10.09 25.95
N ALA C 41 -19.05 8.83 25.99
CA ALA C 41 -19.62 8.21 24.82
C ALA C 41 -20.82 9.00 24.29
N ASP C 42 -21.68 9.47 25.20
CA ASP C 42 -22.85 10.21 24.76
C ASP C 42 -22.46 11.49 24.00
N GLU C 43 -21.46 12.21 24.51
CA GLU C 43 -20.90 13.37 23.81
C GLU C 43 -20.44 13.02 22.39
N VAL C 44 -19.61 12.01 22.27
CA VAL C 44 -19.04 11.63 21.00
C VAL C 44 -20.13 11.22 20.00
N VAL C 45 -21.06 10.39 20.45
CA VAL C 45 -22.11 9.92 19.55
C VAL C 45 -23.03 11.07 19.14
N ASN C 46 -23.44 11.89 20.09
CA ASN C 46 -24.34 13.01 19.80
C ASN C 46 -23.71 13.95 18.79
N ARG C 47 -22.44 14.30 19.00
CA ARG C 47 -21.79 15.29 18.15
C ARG C 47 -21.35 14.69 16.81
N ALA C 48 -20.98 13.42 16.79
CA ALA C 48 -20.80 12.75 15.50
C ALA C 48 -22.11 12.72 14.71
N GLY C 49 -23.23 12.51 15.41
CA GLY C 49 -24.54 12.54 14.78
C GLY C 49 -24.85 13.90 14.20
N LYS C 50 -24.47 14.97 14.89
CA LYS C 50 -24.66 16.33 14.39
C LYS C 50 -23.82 16.57 13.13
N LEU C 51 -22.57 16.14 13.15
CA LEU C 51 -21.72 16.24 11.97
C LEU C 51 -22.31 15.45 10.82
N ALA C 52 -22.71 14.22 11.08
CA ALA C 52 -23.23 13.36 10.01
C ALA C 52 -24.49 13.97 9.38
N ALA C 53 -25.35 14.56 10.19
CA ALA C 53 -26.59 15.18 9.66
C ALA C 53 -26.25 16.33 8.73
N LYS C 54 -25.25 17.14 9.07
CA LYS C 54 -24.82 18.22 8.20
C LYS C 54 -24.21 17.72 6.89
N PHE C 55 -23.37 16.69 6.95
CA PHE C 55 -22.78 16.13 5.76
C PHE C 55 -23.85 15.55 4.84
N ARG C 56 -24.80 14.81 5.41
CA ARG C 56 -25.89 14.23 4.61
C ARG C 56 -26.74 15.31 3.93
N ALA C 57 -27.03 16.38 4.67
CA ALA C 57 -27.85 17.47 4.14
C ALA C 57 -27.12 18.20 3.01
N SER C 58 -25.78 18.18 3.05
CA SER C 58 -24.91 18.80 2.05
C SER C 58 -24.60 17.90 0.86
N GLY C 59 -25.00 16.63 0.93
CA GLY C 59 -24.69 15.65 -0.09
C GLY C 59 -23.23 15.20 -0.14
N GLN C 60 -22.55 15.24 1.00
CA GLN C 60 -21.14 14.83 1.07
C GLN C 60 -21.02 13.49 1.76
N PRO C 61 -19.99 12.72 1.42
CA PRO C 61 -19.90 11.37 1.95
C PRO C 61 -19.68 11.28 3.46
N VAL C 62 -20.34 10.29 4.05
CA VAL C 62 -20.17 9.94 5.44
C VAL C 62 -19.69 8.51 5.48
N PHE C 63 -18.51 8.31 6.06
CA PHE C 63 -17.91 7.00 6.24
C PHE C 63 -18.09 6.58 7.70
N LEU C 64 -18.80 5.47 7.92
CA LEU C 64 -18.96 4.91 9.25
C LEU C 64 -18.05 3.70 9.34
N VAL C 65 -17.00 3.83 10.14
CA VAL C 65 -15.98 2.80 10.27
C VAL C 65 -16.30 1.99 11.50
N ARG C 66 -16.22 0.68 11.38
CA ARG C 66 -16.35 -0.19 12.54
C ARG C 66 -15.22 -1.21 12.52
N VAL C 67 -14.89 -1.70 13.71
CA VAL C 67 -13.78 -2.63 13.92
C VAL C 67 -14.32 -3.93 14.50
N GLY C 68 -13.73 -5.05 14.10
CA GLY C 68 -14.01 -6.33 14.73
C GLY C 68 -13.48 -7.48 13.91
N TRP C 69 -13.84 -8.67 14.34
CA TRP C 69 -13.26 -9.93 13.86
C TRP C 69 -14.33 -11.00 13.90
N SER C 70 -14.16 -12.02 13.09
CA SER C 70 -15.03 -13.18 13.16
C SER C 70 -14.77 -13.91 14.47
N ALA C 71 -15.65 -14.86 14.77
CA ALA C 71 -15.55 -15.61 16.01
C ALA C 71 -14.20 -16.31 16.16
N ASP C 72 -13.61 -16.74 15.04
CA ASP C 72 -12.31 -17.41 15.09
C ASP C 72 -11.12 -16.45 15.18
N TYR C 73 -11.36 -15.15 15.14
CA TYR C 73 -10.31 -14.13 15.21
C TYR C 73 -9.27 -14.27 14.10
N ALA C 74 -9.65 -14.86 12.97
CA ALA C 74 -8.66 -15.10 11.92
C ALA C 74 -8.11 -13.80 11.35
N GLU C 75 -8.90 -12.74 11.37
CA GLU C 75 -8.51 -11.46 10.79
C GLU C 75 -7.68 -10.59 11.72
N ALA C 76 -7.46 -11.03 12.95
CA ALA C 76 -6.75 -10.24 13.96
C ALA C 76 -5.23 -10.37 13.86
N LEU C 77 -4.52 -9.31 14.24
CA LEU C 77 -3.08 -9.37 14.43
C LEU C 77 -2.76 -10.19 15.66
N LYS C 78 -1.72 -11.00 15.56
CA LYS C 78 -1.37 -11.93 16.62
C LYS C 78 0.09 -11.88 17.07
N GLN C 79 0.84 -10.86 16.66
CA GLN C 79 2.24 -10.76 17.08
C GLN C 79 2.31 -10.63 18.60
N PRO C 80 3.41 -11.11 19.19
CA PRO C 80 3.63 -10.90 20.62
C PRO C 80 3.73 -9.40 20.94
N VAL C 81 2.99 -9.00 21.96
CA VAL C 81 3.04 -7.64 22.53
C VAL C 81 3.02 -7.73 24.06
N ASP C 82 3.38 -6.66 24.77
CA ASP C 82 3.40 -6.68 26.21
C ASP C 82 1.99 -6.68 26.82
N ALA C 83 1.03 -6.06 26.13
CA ALA C 83 -0.32 -5.85 26.67
C ALA C 83 -1.37 -6.27 25.63
N PRO C 84 -1.50 -7.57 25.41
CA PRO C 84 -2.44 -8.08 24.38
C PRO C 84 -3.88 -7.95 24.84
N SER C 85 -4.80 -7.77 23.89
CA SER C 85 -6.22 -7.77 24.20
C SER C 85 -6.69 -9.23 24.19
N PRO C 86 -7.56 -9.61 25.13
CA PRO C 86 -8.05 -10.99 25.20
C PRO C 86 -8.99 -11.30 24.03
N ALA C 87 -8.90 -12.50 23.47
CA ALA C 87 -9.77 -12.89 22.36
C ALA C 87 -11.07 -13.48 22.92
N LYS C 88 -11.88 -12.61 23.53
CA LYS C 88 -13.13 -13.01 24.16
C LYS C 88 -14.24 -13.03 23.11
N VAL C 89 -15.33 -13.73 23.41
CA VAL C 89 -16.49 -13.73 22.53
C VAL C 89 -17.07 -12.32 22.51
N LEU C 90 -17.25 -11.76 21.32
CA LEU C 90 -17.76 -10.41 21.20
C LEU C 90 -19.21 -10.37 21.64
N PRO C 91 -19.64 -9.32 22.34
CA PRO C 91 -21.04 -9.22 22.75
C PRO C 91 -21.95 -9.14 21.53
N GLU C 92 -23.22 -9.49 21.70
CA GLU C 92 -24.16 -9.52 20.58
C GLU C 92 -24.33 -8.15 19.91
N ASN C 93 -24.20 -7.08 20.69
CA ASN C 93 -24.37 -5.72 20.16
C ASN C 93 -23.08 -5.08 19.61
N TRP C 94 -22.00 -5.85 19.50
CA TRP C 94 -20.66 -5.31 19.21
C TRP C 94 -20.65 -4.33 18.05
N TRP C 95 -21.28 -4.72 16.95
CA TRP C 95 -21.22 -3.95 15.72
C TRP C 95 -22.31 -2.88 15.56
N GLN C 96 -23.27 -2.83 16.47
CA GLN C 96 -24.48 -2.04 16.24
C GLN C 96 -24.18 -0.54 16.25
N HIS C 97 -24.68 0.18 15.25
CA HIS C 97 -24.60 1.64 15.23
C HIS C 97 -25.58 2.19 16.28
N PRO C 98 -25.17 3.13 17.13
CA PRO C 98 -26.12 3.83 18.00
C PRO C 98 -27.14 4.60 17.17
N ALA C 99 -28.40 4.58 17.61
CA ALA C 99 -29.47 5.24 16.87
C ALA C 99 -29.22 6.72 16.57
N ALA C 100 -28.57 7.41 17.49
CA ALA C 100 -28.32 8.86 17.35
C ALA C 100 -27.39 9.25 16.21
N LEU C 101 -26.65 8.28 15.65
CA LEU C 101 -25.87 8.52 14.45
C LEU C 101 -26.76 8.78 13.24
N GLY C 102 -27.98 8.26 13.26
CA GLY C 102 -28.91 8.44 12.16
C GLY C 102 -28.46 7.72 10.90
N THR C 103 -27.86 6.55 11.10
CA THR C 103 -27.33 5.77 9.99
C THR C 103 -28.38 5.60 8.91
N THR C 104 -27.95 5.83 7.67
CA THR C 104 -28.81 5.66 6.51
C THR C 104 -28.09 4.84 5.44
N ASP C 105 -28.84 4.39 4.44
CA ASP C 105 -28.31 3.53 3.38
C ASP C 105 -27.18 4.16 2.58
N SER C 106 -27.20 5.48 2.43
CA SER C 106 -26.16 6.14 1.66
C SER C 106 -24.83 6.29 2.42
N ASP C 107 -24.85 6.14 3.75
CA ASP C 107 -23.60 6.15 4.50
C ASP C 107 -22.73 4.97 4.03
N ILE C 108 -21.44 5.20 3.92
CA ILE C 108 -20.51 4.20 3.42
C ILE C 108 -19.94 3.46 4.60
N GLU C 109 -20.20 2.16 4.68
CA GLU C 109 -19.73 1.33 5.78
C GLU C 109 -18.35 0.81 5.50
N ILE C 110 -17.41 1.11 6.38
CA ILE C 110 -16.04 0.62 6.31
C ILE C 110 -15.81 -0.37 7.44
N ILE C 111 -15.23 -1.51 7.14
CA ILE C 111 -14.95 -2.53 8.15
C ILE C 111 -13.44 -2.68 8.23
N LYS C 112 -12.88 -2.43 9.42
CA LYS C 112 -11.45 -2.61 9.65
C LYS C 112 -11.15 -3.67 10.70
N ARG C 113 -9.90 -4.13 10.69
CA ARG C 113 -9.48 -5.28 11.50
C ARG C 113 -8.35 -4.94 12.46
N GLN C 114 -8.05 -3.65 12.61
CA GLN C 114 -7.03 -3.16 13.52
C GLN C 114 -7.29 -1.69 13.77
N TRP C 115 -6.34 -0.99 14.38
CA TRP C 115 -6.51 0.39 14.79
C TRP C 115 -6.85 1.31 13.62
N GLY C 116 -5.98 1.40 12.63
CA GLY C 116 -6.16 2.32 11.54
C GLY C 116 -7.18 1.85 10.51
N ALA C 117 -7.87 2.81 9.91
CA ALA C 117 -8.99 2.54 9.02
C ALA C 117 -8.61 2.41 7.56
N PHE C 118 -7.32 2.43 7.22
CA PHE C 118 -6.86 2.31 5.84
C PHE C 118 -6.39 0.90 5.49
N TYR C 119 -5.56 0.29 6.34
CA TYR C 119 -4.99 -1.00 5.99
C TYR C 119 -6.09 -2.05 5.85
N GLY C 120 -6.09 -2.71 4.70
CA GLY C 120 -7.08 -3.73 4.43
C GLY C 120 -8.50 -3.27 4.15
N THR C 121 -8.68 -1.96 3.94
CA THR C 121 -9.99 -1.42 3.62
C THR C 121 -9.99 -0.73 2.30
N ASP C 122 -11.17 -0.23 1.95
CA ASP C 122 -11.42 0.57 0.76
C ASP C 122 -11.51 2.06 1.07
N LEU C 123 -11.08 2.51 2.24
CA LEU C 123 -11.25 3.90 2.60
C LEU C 123 -10.50 4.83 1.65
N GLU C 124 -9.24 4.55 1.38
CA GLU C 124 -8.48 5.41 0.47
C GLU C 124 -9.09 5.42 -0.94
N LEU C 125 -9.40 4.23 -1.46
CA LEU C 125 -10.03 4.10 -2.76
C LEU C 125 -11.27 4.97 -2.85
N GLN C 126 -12.13 4.86 -1.84
CA GLN C 126 -13.39 5.60 -1.84
C GLN C 126 -13.17 7.11 -1.81
N LEU C 127 -12.28 7.57 -0.95
CA LEU C 127 -11.98 8.99 -0.85
C LEU C 127 -11.46 9.54 -2.16
N ARG C 128 -10.50 8.86 -2.77
CA ARG C 128 -9.87 9.39 -3.96
C ARG C 128 -10.83 9.36 -5.14
N ARG C 129 -11.54 8.25 -5.31
CA ARG C 129 -12.45 8.12 -6.46
C ARG C 129 -13.67 9.01 -6.36
N ARG C 130 -14.02 9.42 -5.13
CA ARG C 130 -15.09 10.42 -4.91
C ARG C 130 -14.60 11.87 -4.94
N GLY C 131 -13.32 12.09 -5.20
CA GLY C 131 -12.76 13.43 -5.30
C GLY C 131 -12.65 14.17 -3.97
N ILE C 132 -12.40 13.44 -2.88
CA ILE C 132 -12.31 14.03 -1.56
C ILE C 132 -10.85 14.34 -1.27
N ASP C 133 -10.56 15.57 -0.85
CA ASP C 133 -9.21 15.93 -0.42
C ASP C 133 -9.11 16.30 1.06
N THR C 134 -10.24 16.34 1.77
CA THR C 134 -10.31 16.81 3.16
C THR C 134 -11.19 15.88 3.97
N ILE C 135 -10.72 15.50 5.15
CA ILE C 135 -11.43 14.59 6.04
C ILE C 135 -11.68 15.29 7.36
N VAL C 136 -12.93 15.26 7.83
CA VAL C 136 -13.24 15.57 9.22
C VAL C 136 -13.30 14.23 9.96
N LEU C 137 -12.48 14.10 11.00
CA LEU C 137 -12.28 12.84 11.71
C LEU C 137 -12.77 12.94 13.14
N CYS C 138 -13.46 11.89 13.59
CA CYS C 138 -13.94 11.79 14.98
C CYS C 138 -14.04 10.33 15.37
N GLY C 139 -14.28 10.09 16.65
CA GLY C 139 -14.59 8.76 17.15
C GLY C 139 -13.78 8.33 18.36
N ILE C 140 -13.73 7.02 18.57
CA ILE C 140 -13.07 6.42 19.73
C ILE C 140 -12.10 5.36 19.21
N SER C 141 -10.85 5.30 19.69
CA SER C 141 -10.25 6.12 20.72
C SER C 141 -9.29 7.16 20.12
N THR C 142 -9.28 8.35 20.69
CA THR C 142 -8.48 9.47 20.22
C THR C 142 -7.06 9.10 19.86
N ASN C 143 -6.39 8.40 20.77
CA ASN C 143 -4.97 8.11 20.60
C ASN C 143 -4.67 6.72 20.07
N ILE C 144 -5.70 5.95 19.78
CA ILE C 144 -5.53 4.57 19.29
C ILE C 144 -5.98 4.52 17.82
N GLY C 145 -7.20 4.09 17.53
CA GLY C 145 -7.70 3.99 16.17
C GLY C 145 -7.89 5.32 15.45
N VAL C 146 -8.38 6.32 16.15
CA VAL C 146 -8.51 7.63 15.53
C VAL C 146 -7.13 8.13 15.10
N GLU C 147 -6.14 7.98 15.97
CA GLU C 147 -4.82 8.52 15.66
C GLU C 147 -4.11 7.73 14.59
N SER C 148 -4.22 6.41 14.61
CA SER C 148 -3.58 5.62 13.54
C SER C 148 -4.17 6.02 12.19
N THR C 149 -5.49 6.23 12.16
CA THR C 149 -6.19 6.68 10.95
C THR C 149 -5.69 8.07 10.50
N ALA C 150 -5.56 8.97 11.46
CA ALA C 150 -5.11 10.33 11.19
C ALA C 150 -3.68 10.37 10.62
N ARG C 151 -2.77 9.65 11.27
CA ARG C 151 -1.38 9.60 10.83
C ARG C 151 -1.34 9.09 9.39
N ASN C 152 -2.06 8.01 9.12
CA ASN C 152 -2.14 7.48 7.75
C ASN C 152 -2.68 8.52 6.77
N ALA C 153 -3.80 9.15 7.13
CA ALA C 153 -4.50 10.06 6.23
C ALA C 153 -3.58 11.21 5.86
N TRP C 154 -2.85 11.71 6.85
CA TRP C 154 -1.95 12.84 6.62
C TRP C 154 -0.82 12.41 5.67
N GLU C 155 -0.20 11.25 5.89
CA GLU C 155 0.87 10.79 5.00
C GLU C 155 0.37 10.58 3.57
N LEU C 156 -0.90 10.18 3.43
CA LEU C 156 -1.56 10.01 2.13
C LEU C 156 -1.93 11.31 1.43
N GLY C 157 -1.76 12.44 2.11
CA GLY C 157 -1.93 13.74 1.51
C GLY C 157 -3.26 14.40 1.78
N PHE C 158 -4.15 13.78 2.55
CA PHE C 158 -5.45 14.39 2.83
C PHE C 158 -5.30 15.52 3.83
N ASN C 159 -6.06 16.60 3.62
CA ASN C 159 -6.18 17.62 4.64
C ASN C 159 -7.00 17.01 5.77
N LEU C 160 -6.58 17.22 6.99
CA LEU C 160 -7.25 16.62 8.13
C LEU C 160 -7.79 17.69 9.07
N VAL C 161 -9.02 17.49 9.51
CA VAL C 161 -9.64 18.31 10.54
C VAL C 161 -10.10 17.36 11.64
N ILE C 162 -9.64 17.56 12.87
CA ILE C 162 -10.07 16.74 14.00
C ILE C 162 -11.18 17.45 14.78
N ALA C 163 -12.29 16.76 14.98
CA ALA C 163 -13.38 17.28 15.81
C ALA C 163 -13.07 16.88 17.24
N GLU C 164 -12.40 17.77 17.94
CA GLU C 164 -11.83 17.45 19.25
C GLU C 164 -12.88 16.96 20.25
N ASP C 165 -14.06 17.59 20.21
CA ASP C 165 -15.13 17.28 21.16
C ASP C 165 -16.05 16.17 20.69
N ALA C 166 -15.67 15.49 19.60
CA ALA C 166 -16.30 14.25 19.19
C ALA C 166 -15.29 13.09 19.15
N CYS C 167 -14.27 13.18 20.00
CA CYS C 167 -13.33 12.10 20.25
C CYS C 167 -13.22 11.82 21.73
N SER C 168 -12.90 10.58 22.09
CA SER C 168 -12.61 10.20 23.48
C SER C 168 -11.58 9.11 23.51
N ALA C 169 -10.84 9.03 24.59
CA ALA C 169 -9.77 8.07 24.80
C ALA C 169 -9.98 7.33 26.12
N ALA C 170 -9.07 6.41 26.46
CA ALA C 170 -9.17 5.66 27.72
C ALA C 170 -9.12 6.60 28.91
N SER C 171 -8.38 7.70 28.78
CA SER C 171 -8.30 8.73 29.81
C SER C 171 -8.20 10.10 29.18
N ALA C 172 -8.59 11.13 29.93
CA ALA C 172 -8.41 12.49 29.49
C ALA C 172 -6.96 12.79 29.16
N GLU C 173 -6.04 12.29 29.98
CA GLU C 173 -4.62 12.59 29.76
C GLU C 173 -4.16 12.05 28.40
N GLN C 174 -4.60 10.85 28.05
CA GLN C 174 -4.22 10.27 26.77
C GLN C 174 -4.79 11.03 25.58
N HIS C 175 -6.05 11.42 25.67
CA HIS C 175 -6.68 12.26 24.65
C HIS C 175 -5.95 13.57 24.51
N ASN C 176 -5.74 14.22 25.64
CA ASN C 176 -5.16 15.56 25.64
C ASN C 176 -3.75 15.55 25.10
N ASN C 177 -2.97 14.53 25.41
CA ASN C 177 -1.61 14.48 24.90
C ASN C 177 -1.57 14.48 23.38
N SER C 178 -2.46 13.70 22.76
CA SER C 178 -2.53 13.67 21.31
C SER C 178 -3.08 14.97 20.71
N ILE C 179 -4.14 15.50 21.33
CA ILE C 179 -4.72 16.76 20.89
C ILE C 179 -3.73 17.91 21.01
N ASN C 180 -2.91 17.91 22.05
CA ASN C 180 -1.98 19.01 22.27
C ASN C 180 -0.63 18.86 21.52
N HIS C 181 -0.17 17.65 21.31
CA HIS C 181 1.19 17.43 20.80
C HIS C 181 1.32 16.69 19.48
N ILE C 182 0.31 15.97 19.04
CA ILE C 182 0.37 15.23 17.79
C ILE C 182 -0.48 15.87 16.72
N TYR C 183 -1.78 15.94 16.99
CA TYR C 183 -2.72 16.44 16.01
C TYR C 183 -2.44 17.82 15.46
N PRO C 184 -1.96 18.78 16.25
CA PRO C 184 -1.68 20.10 15.65
C PRO C 184 -0.66 20.06 14.52
N ARG C 185 0.23 19.07 14.51
CA ARG C 185 1.26 18.97 13.48
C ARG C 185 0.76 18.31 12.19
N ILE C 186 -0.38 17.63 12.27
CA ILE C 186 -0.94 16.90 11.11
C ILE C 186 -2.35 17.33 10.71
N ALA C 187 -2.96 18.25 11.43
CA ALA C 187 -4.37 18.56 11.26
C ALA C 187 -4.65 19.97 11.77
N ARG C 188 -5.85 20.42 11.44
CA ARG C 188 -6.50 21.53 12.14
C ARG C 188 -7.44 20.92 13.16
N VAL C 189 -7.29 21.34 14.43
CA VAL C 189 -8.11 20.81 15.51
C VAL C 189 -9.18 21.85 15.85
N ARG C 190 -10.44 21.46 15.80
CA ARG C 190 -11.57 22.38 15.95
C ARG C 190 -12.69 21.71 16.70
N SER C 191 -13.61 22.51 17.24
CA SER C 191 -14.81 21.98 17.86
C SER C 191 -15.84 21.64 16.78
N VAL C 192 -16.79 20.79 17.13
CA VAL C 192 -17.88 20.43 16.23
C VAL C 192 -18.66 21.68 15.77
N GLU C 193 -18.97 22.60 16.66
CA GLU C 193 -19.69 23.81 16.24
C GLU C 193 -18.87 24.65 15.24
N GLU C 194 -17.55 24.72 15.44
CA GLU C 194 -16.68 25.44 14.49
C GLU C 194 -16.71 24.76 13.12
N ILE C 195 -16.73 23.43 13.12
CA ILE C 195 -16.75 22.67 11.85
C ILE C 195 -18.11 22.84 11.16
N LEU C 196 -19.19 22.74 11.92
CA LEU C 196 -20.52 22.92 11.33
C LEU C 196 -20.63 24.31 10.68
N ASN C 197 -20.05 25.32 11.31
CA ASN C 197 -20.09 26.69 10.78
C ASN C 197 -19.31 26.85 9.48
N ALA C 198 -18.32 25.99 9.27
CA ALA C 198 -17.46 26.04 8.08
C ALA C 198 -18.03 25.31 6.87
N LEU C 199 -19.06 24.49 7.07
CA LEU C 199 -19.68 23.72 6.00
C LEU C 199 -20.88 24.44 5.41
N MET D 12 12.47 -13.87 29.96
CA MET D 12 13.69 -13.60 29.13
C MET D 12 13.26 -13.28 27.69
N LEU D 13 13.74 -12.17 27.13
CA LEU D 13 13.31 -11.73 25.80
C LEU D 13 13.79 -12.75 24.78
N GLU D 14 12.87 -13.17 23.91
CA GLU D 14 13.16 -14.18 22.89
C GLU D 14 13.19 -13.54 21.52
N LEU D 15 14.35 -13.56 20.87
CA LEU D 15 14.52 -13.08 19.49
C LEU D 15 15.28 -14.09 18.65
N ASN D 16 14.89 -14.24 17.39
CA ASN D 16 15.68 -14.95 16.41
C ASN D 16 16.48 -13.89 15.69
N ALA D 17 17.75 -13.75 16.02
CA ALA D 17 18.55 -12.69 15.42
C ALA D 17 18.48 -12.71 13.90
N LYS D 18 18.46 -13.89 13.29
CA LYS D 18 18.53 -14.01 11.85
C LYS D 18 17.26 -13.67 11.10
N THR D 19 16.15 -13.46 11.80
CA THR D 19 14.94 -12.93 11.18
C THR D 19 14.55 -11.61 11.81
N THR D 20 15.50 -10.93 12.41
CA THR D 20 15.30 -9.61 13.02
C THR D 20 16.18 -8.58 12.31
N ALA D 21 15.65 -7.36 12.13
CA ALA D 21 16.39 -6.23 11.62
C ALA D 21 16.30 -5.07 12.57
N LEU D 22 17.28 -4.18 12.48
CA LEU D 22 17.28 -2.94 13.23
C LEU D 22 16.85 -1.79 12.34
N VAL D 23 15.93 -1.00 12.84
CA VAL D 23 15.47 0.20 12.15
C VAL D 23 15.76 1.39 13.03
N VAL D 24 16.66 2.24 12.56
CA VAL D 24 17.15 3.39 13.30
C VAL D 24 16.54 4.63 12.67
N ILE D 25 15.68 5.31 13.42
CA ILE D 25 14.92 6.42 12.88
C ILE D 25 15.62 7.77 13.13
N ASP D 26 16.07 8.38 12.03
CA ASP D 26 16.44 9.80 11.95
C ASP D 26 17.53 10.20 12.91
N LEU D 27 18.51 9.32 13.10
CA LEU D 27 19.71 9.69 13.86
C LEU D 27 20.69 10.36 12.91
N GLN D 28 20.39 11.61 12.67
CA GLN D 28 21.09 12.47 11.72
C GLN D 28 21.28 13.81 12.42
N GLU D 29 22.34 14.53 12.06
CA GLU D 29 22.72 15.69 12.87
C GLU D 29 21.63 16.77 12.90
N GLY D 30 20.85 16.89 11.84
CA GLY D 30 19.75 17.83 11.81
C GLY D 30 18.66 17.62 12.85
N ILE D 31 18.48 16.35 13.26
CA ILE D 31 17.37 15.95 14.12
C ILE D 31 17.78 15.88 15.59
N LEU D 32 19.06 15.64 15.86
CA LEU D 32 19.52 15.49 17.24
C LEU D 32 19.12 16.61 18.18
N PRO D 33 19.17 17.88 17.74
CA PRO D 33 18.76 18.98 18.63
C PRO D 33 17.32 18.88 19.17
N PHE D 34 16.48 18.06 18.54
CA PHE D 34 15.09 17.93 18.95
C PHE D 34 14.88 16.94 20.09
N ALA D 35 15.91 16.21 20.51
CA ALA D 35 15.82 15.27 21.62
C ALA D 35 15.77 16.00 22.97
N GLY D 36 14.56 16.10 23.52
CA GLY D 36 14.33 16.72 24.81
C GLY D 36 14.41 15.74 25.96
N GLY D 37 13.87 14.53 25.82
CA GLY D 37 13.98 13.58 26.91
C GLY D 37 13.15 12.33 26.69
N PRO D 38 13.31 11.34 27.55
CA PRO D 38 14.16 11.38 28.75
C PRO D 38 15.62 11.05 28.52
N HIS D 39 15.97 10.63 27.33
CA HIS D 39 17.32 10.25 27.00
C HIS D 39 17.93 11.31 26.14
N THR D 40 19.23 11.52 26.28
CA THR D 40 19.89 12.57 25.49
C THR D 40 20.16 12.10 24.05
N ALA D 41 20.43 13.04 23.17
CA ALA D 41 20.83 12.70 21.81
C ALA D 41 22.06 11.81 21.81
N ASP D 42 23.04 12.11 22.63
CA ASP D 42 24.27 11.33 22.65
C ASP D 42 24.00 9.94 23.16
N GLU D 43 23.16 9.82 24.19
CA GLU D 43 22.79 8.51 24.69
C GLU D 43 22.09 7.68 23.62
N VAL D 44 21.11 8.27 22.94
CA VAL D 44 20.37 7.54 21.91
C VAL D 44 21.33 7.11 20.80
N VAL D 45 22.21 8.01 20.38
CA VAL D 45 23.15 7.67 19.31
C VAL D 45 24.10 6.55 19.74
N ASN D 46 24.61 6.63 20.95
CA ASN D 46 25.57 5.65 21.41
C ASN D 46 24.91 4.28 21.60
N ARG D 47 23.70 4.27 22.14
CA ARG D 47 22.97 3.05 22.39
C ARG D 47 22.49 2.42 21.09
N ALA D 48 21.99 3.25 20.17
CA ALA D 48 21.64 2.77 18.83
C ALA D 48 22.87 2.23 18.11
N GLY D 49 24.02 2.84 18.34
CA GLY D 49 25.26 2.35 17.75
C GLY D 49 25.65 1.00 18.30
N LYS D 50 25.40 0.77 19.58
CA LYS D 50 25.62 -0.54 20.19
C LYS D 50 24.69 -1.58 19.61
N LEU D 51 23.42 -1.25 19.42
CA LEU D 51 22.47 -2.15 18.75
C LEU D 51 22.97 -2.44 17.32
N ALA D 52 23.38 -1.42 16.60
CA ALA D 52 23.79 -1.62 15.22
C ALA D 52 25.02 -2.53 15.13
N ALA D 53 25.96 -2.35 16.06
CA ALA D 53 27.16 -3.20 16.07
C ALA D 53 26.76 -4.65 16.29
N LYS D 54 25.80 -4.89 17.14
CA LYS D 54 25.33 -6.22 17.43
C LYS D 54 24.66 -6.82 16.20
N PHE D 55 23.82 -6.05 15.51
CA PHE D 55 23.17 -6.54 14.31
C PHE D 55 24.16 -6.83 13.20
N ARG D 56 25.13 -5.95 13.00
CA ARG D 56 26.16 -6.19 12.00
C ARG D 56 26.94 -7.47 12.30
N ALA D 57 27.19 -7.73 13.58
CA ALA D 57 27.92 -8.92 14.00
C ALA D 57 27.11 -10.19 13.81
N SER D 58 25.80 -10.03 13.63
CA SER D 58 24.90 -11.15 13.36
C SER D 58 24.64 -11.31 11.86
N GLY D 59 25.25 -10.46 11.04
CA GLY D 59 25.06 -10.48 9.60
C GLY D 59 23.67 -10.05 9.17
N GLN D 60 23.02 -9.19 9.96
CA GLN D 60 21.63 -8.82 9.77
C GLN D 60 21.48 -7.38 9.34
N PRO D 61 20.39 -7.06 8.67
CA PRO D 61 20.22 -5.71 8.13
C PRO D 61 20.09 -4.65 9.18
N VAL D 62 20.81 -3.56 8.94
CA VAL D 62 20.70 -2.34 9.70
C VAL D 62 20.14 -1.29 8.74
N PHE D 63 18.93 -0.84 9.01
CA PHE D 63 18.26 0.17 8.24
C PHE D 63 18.46 1.53 8.90
N LEU D 64 19.23 2.39 8.28
CA LEU D 64 19.43 3.76 8.75
C LEU D 64 18.47 4.65 7.98
N VAL D 65 17.46 5.11 8.68
CA VAL D 65 16.40 5.90 8.09
C VAL D 65 16.72 7.36 8.36
N ARG D 66 16.61 8.20 7.33
CA ARG D 66 16.75 9.63 7.51
C ARG D 66 15.58 10.33 6.84
N VAL D 67 15.24 11.52 7.36
CA VAL D 67 14.11 12.29 6.85
C VAL D 67 14.62 13.59 6.24
N GLY D 68 13.95 14.03 5.18
CA GLY D 68 14.26 15.33 4.61
C GLY D 68 13.68 15.48 3.23
N TRP D 69 13.99 16.61 2.62
CA TRP D 69 13.37 17.07 1.36
C TRP D 69 14.44 17.75 0.54
N SER D 70 14.22 17.79 -0.76
CA SER D 70 15.06 18.56 -1.64
C SER D 70 14.88 20.03 -1.34
N ALA D 71 15.77 20.86 -1.88
CA ALA D 71 15.74 22.28 -1.62
C ALA D 71 14.40 22.92 -1.97
N ASP D 72 13.72 22.38 -2.98
CA ASP D 72 12.41 22.91 -3.36
C ASP D 72 11.22 22.37 -2.54
N TYR D 73 11.48 21.48 -1.57
CA TYR D 73 10.43 20.87 -0.73
C TYR D 73 9.32 20.18 -1.53
N ALA D 74 9.64 19.74 -2.75
CA ALA D 74 8.63 19.14 -3.62
C ALA D 74 8.05 17.85 -3.02
N GLU D 75 8.85 17.13 -2.23
CA GLU D 75 8.45 15.84 -1.67
C GLU D 75 7.69 15.98 -0.36
N ALA D 76 7.53 17.19 0.15
CA ALA D 76 6.93 17.41 1.47
C ALA D 76 5.41 17.44 1.43
N LEU D 77 4.83 17.08 2.56
CA LEU D 77 3.41 17.28 2.81
C LEU D 77 3.13 18.74 3.12
N LYS D 78 2.15 19.31 2.45
CA LYS D 78 1.90 20.76 2.53
C LYS D 78 0.48 21.10 2.96
N GLN D 79 -0.30 20.13 3.41
CA GLN D 79 -1.66 20.41 3.90
C GLN D 79 -1.61 21.40 5.05
N PRO D 80 -2.64 22.22 5.18
CA PRO D 80 -2.75 23.10 6.34
C PRO D 80 -2.87 22.30 7.65
N VAL D 81 -2.10 22.74 8.64
CA VAL D 81 -2.13 22.20 10.00
C VAL D 81 -2.01 23.38 10.98
N ASP D 82 -2.34 23.13 12.24
CA ASP D 82 -2.30 24.19 13.25
C ASP D 82 -0.88 24.62 13.63
N ALA D 83 0.06 23.69 13.63
CA ALA D 83 1.43 23.92 14.07
C ALA D 83 2.40 23.47 12.97
N PRO D 84 2.47 24.22 11.87
CA PRO D 84 3.34 23.82 10.76
C PRO D 84 4.81 24.01 11.06
N SER D 85 5.66 23.20 10.41
CA SER D 85 7.10 23.41 10.47
C SER D 85 7.48 24.37 9.34
N PRO D 86 8.41 25.29 9.61
CA PRO D 86 8.78 26.29 8.59
C PRO D 86 9.62 25.73 7.44
N ALA D 87 9.41 26.27 6.24
CA ALA D 87 10.10 25.87 5.02
C ALA D 87 11.50 26.46 4.92
N LYS D 88 12.34 26.18 5.91
CA LYS D 88 13.68 26.77 6.00
C LYS D 88 14.67 25.99 5.16
N VAL D 89 15.73 26.65 4.74
CA VAL D 89 16.84 25.94 4.11
C VAL D 89 17.45 25.00 5.15
N LEU D 90 17.58 23.74 4.79
CA LEU D 90 18.12 22.79 5.74
C LEU D 90 19.60 23.08 5.94
N PRO D 91 20.08 22.99 7.18
CA PRO D 91 21.50 23.23 7.46
C PRO D 91 22.36 22.15 6.82
N GLU D 92 23.62 22.49 6.54
CA GLU D 92 24.46 21.59 5.76
C GLU D 92 24.69 20.24 6.45
N ASN D 93 24.59 20.20 7.79
CA ASN D 93 24.73 18.93 8.50
C ASN D 93 23.45 18.09 8.60
N TRP D 94 22.38 18.53 7.98
CA TRP D 94 21.05 17.94 8.22
C TRP D 94 21.03 16.42 8.13
N TRP D 95 21.61 15.88 7.08
CA TRP D 95 21.56 14.45 6.78
C TRP D 95 22.68 13.64 7.40
N GLN D 96 23.66 14.29 8.03
CA GLN D 96 24.87 13.58 8.43
C GLN D 96 24.63 12.53 9.52
N HIS D 97 25.09 11.31 9.30
CA HIS D 97 25.12 10.28 10.36
C HIS D 97 26.16 10.69 11.38
N PRO D 98 25.86 10.67 12.68
CA PRO D 98 26.94 10.74 13.70
C PRO D 98 27.87 9.51 13.65
N ALA D 99 29.16 9.71 13.95
CA ALA D 99 30.18 8.66 13.81
C ALA D 99 29.92 7.38 14.63
N ALA D 100 29.31 7.53 15.81
CA ALA D 100 29.07 6.42 16.74
C ALA D 100 28.07 5.38 16.23
N LEU D 101 27.25 5.78 15.27
CA LEU D 101 26.37 4.82 14.61
C LEU D 101 27.10 3.71 13.88
N GLY D 102 28.31 3.98 13.40
CA GLY D 102 29.10 2.96 12.74
C GLY D 102 28.64 2.70 11.34
N THR D 103 28.06 3.72 10.70
CA THR D 103 27.58 3.59 9.35
C THR D 103 28.67 2.97 8.50
N THR D 104 28.30 1.92 7.79
CA THR D 104 29.21 1.23 6.91
C THR D 104 28.47 0.94 5.61
N ASP D 105 29.22 0.53 4.58
CA ASP D 105 28.66 0.32 3.24
C ASP D 105 27.52 -0.68 3.23
N SER D 106 27.53 -1.66 4.13
CA SER D 106 26.50 -2.69 4.07
C SER D 106 25.20 -2.23 4.75
N ASP D 107 25.22 -1.14 5.50
CA ASP D 107 24.00 -0.61 6.10
C ASP D 107 23.10 -0.15 4.98
N ILE D 108 21.80 -0.32 5.17
CA ILE D 108 20.83 0.03 4.15
C ILE D 108 20.27 1.41 4.48
N GLU D 109 20.50 2.37 3.58
CA GLU D 109 20.01 3.72 3.77
C GLU D 109 18.60 3.82 3.24
N ILE D 110 17.73 4.33 4.08
CA ILE D 110 16.34 4.60 3.71
C ILE D 110 16.12 6.12 3.84
N ILE D 111 15.53 6.72 2.82
CA ILE D 111 15.17 8.13 2.85
C ILE D 111 13.65 8.22 2.86
N LYS D 112 13.11 8.86 3.89
CA LYS D 112 11.68 9.08 3.99
C LYS D 112 11.38 10.56 3.96
N ARG D 113 10.13 10.86 3.62
CA ARG D 113 9.67 12.22 3.34
C ARG D 113 8.59 12.68 4.29
N GLN D 114 8.36 11.94 5.38
CA GLN D 114 7.36 12.29 6.39
C GLN D 114 7.71 11.49 7.64
N TRP D 115 6.81 11.44 8.61
CA TRP D 115 7.07 10.77 9.88
C TRP D 115 7.39 9.28 9.75
N GLY D 116 6.47 8.55 9.17
CA GLY D 116 6.59 7.12 9.08
C GLY D 116 7.59 6.68 8.02
N ALA D 117 8.28 5.58 8.29
CA ALA D 117 9.36 5.10 7.42
C ALA D 117 8.97 4.11 6.34
N PHE D 118 7.67 3.83 6.21
CA PHE D 118 7.18 2.90 5.18
C PHE D 118 6.64 3.57 3.92
N TYR D 119 5.85 4.62 4.07
CA TYR D 119 5.22 5.25 2.93
C TYR D 119 6.27 5.85 2.02
N GLY D 120 6.27 5.43 0.76
CA GLY D 120 7.21 5.95 -0.23
C GLY D 120 8.61 5.40 -0.11
N THR D 121 8.80 4.34 0.67
CA THR D 121 10.13 3.74 0.80
C THR D 121 10.12 2.27 0.40
N ASP D 122 11.32 1.67 0.47
CA ASP D 122 11.52 0.26 0.25
C ASP D 122 11.64 -0.54 1.55
N LEU D 123 11.25 0.04 2.68
CA LEU D 123 11.46 -0.65 3.96
C LEU D 123 10.73 -1.98 4.00
N GLU D 124 9.46 -2.00 3.65
CA GLU D 124 8.70 -3.22 3.70
C GLU D 124 9.25 -4.25 2.72
N LEU D 125 9.53 -3.82 1.49
CA LEU D 125 10.13 -4.68 0.46
C LEU D 125 11.41 -5.35 1.02
N GLN D 126 12.27 -4.53 1.58
CA GLN D 126 13.57 -5.03 2.06
C GLN D 126 13.37 -6.04 3.20
N LEU D 127 12.49 -5.72 4.15
CA LEU D 127 12.21 -6.64 5.25
C LEU D 127 11.68 -7.97 4.74
N ARG D 128 10.66 -7.95 3.89
CA ARG D 128 10.05 -9.21 3.45
C ARG D 128 11.01 -10.04 2.61
N ARG D 129 11.74 -9.40 1.73
CA ARG D 129 12.58 -10.16 0.81
C ARG D 129 13.82 -10.69 1.48
N ARG D 130 14.18 -10.10 2.62
CA ARG D 130 15.29 -10.60 3.43
C ARG D 130 14.84 -11.56 4.53
N GLY D 131 13.57 -11.93 4.55
CA GLY D 131 13.08 -12.90 5.50
C GLY D 131 13.00 -12.40 6.94
N ILE D 132 12.78 -11.09 7.10
CA ILE D 132 12.68 -10.45 8.42
C ILE D 132 11.24 -10.47 8.89
N ASP D 133 10.99 -11.03 10.06
CA ASP D 133 9.66 -10.95 10.66
C ASP D 133 9.60 -10.07 11.90
N THR D 134 10.74 -9.58 12.39
CA THR D 134 10.83 -8.80 13.63
C THR D 134 11.69 -7.57 13.42
N ILE D 135 11.22 -6.44 13.93
CA ILE D 135 11.96 -5.18 13.87
C ILE D 135 12.27 -4.72 15.29
N VAL D 136 13.52 -4.38 15.54
CA VAL D 136 13.90 -3.60 16.70
C VAL D 136 13.97 -2.14 16.23
N LEU D 137 13.19 -1.29 16.88
CA LEU D 137 13.01 0.09 16.50
C LEU D 137 13.60 1.01 17.55
N CYS D 138 14.27 2.05 17.07
CA CYS D 138 14.83 3.08 17.92
C CYS D 138 14.94 4.37 17.15
N GLY D 139 15.23 5.45 17.87
CA GLY D 139 15.56 6.73 17.27
C GLY D 139 14.78 7.90 17.84
N ILE D 140 14.69 8.96 17.04
CA ILE D 140 14.08 10.22 17.46
C ILE D 140 13.08 10.63 16.37
N SER D 141 11.85 11.02 16.69
CA SER D 141 11.29 11.20 18.02
C SER D 141 10.34 10.04 18.37
N THR D 142 10.37 9.62 19.63
CA THR D 142 9.57 8.51 20.12
C THR D 142 8.12 8.53 19.67
N ASN D 143 7.46 9.68 19.80
CA ASN D 143 6.02 9.76 19.53
C ASN D 143 5.70 10.35 18.18
N ILE D 144 6.71 10.64 17.37
CA ILE D 144 6.48 11.23 16.05
C ILE D 144 6.89 10.20 14.97
N GLY D 145 8.10 10.26 14.42
CA GLY D 145 8.51 9.33 13.38
C GLY D 145 8.66 7.92 13.88
N VAL D 146 9.20 7.72 15.09
CA VAL D 146 9.32 6.36 15.58
C VAL D 146 7.92 5.73 15.70
N GLU D 147 6.96 6.47 16.25
CA GLU D 147 5.62 5.92 16.50
C GLU D 147 4.83 5.68 15.21
N SER D 148 4.93 6.58 14.24
CA SER D 148 4.24 6.36 12.96
C SER D 148 4.80 5.11 12.30
N THR D 149 6.10 4.91 12.38
CA THR D 149 6.72 3.72 11.82
C THR D 149 6.24 2.47 12.56
N ALA D 150 6.19 2.54 13.88
CA ALA D 150 5.75 1.42 14.70
C ALA D 150 4.30 1.03 14.42
N ARG D 151 3.40 2.01 14.37
CA ARG D 151 2.01 1.73 14.08
C ARG D 151 1.87 1.03 12.72
N ASN D 152 2.57 1.54 11.71
CA ASN D 152 2.58 0.90 10.38
C ASN D 152 3.10 -0.54 10.44
N ALA D 153 4.24 -0.73 11.09
CA ALA D 153 4.90 -2.03 11.12
C ALA D 153 3.99 -3.07 11.74
N TRP D 154 3.32 -2.69 12.81
CA TRP D 154 2.41 -3.60 13.49
C TRP D 154 1.22 -3.99 12.58
N GLU D 155 0.58 -3.01 11.94
CA GLU D 155 -0.54 -3.31 11.05
C GLU D 155 -0.11 -4.19 9.88
N LEU D 156 1.12 -4.00 9.41
CA LEU D 156 1.69 -4.81 8.33
C LEU D 156 2.05 -6.22 8.74
N GLY D 157 2.04 -6.51 10.03
CA GLY D 157 2.20 -7.86 10.53
C GLY D 157 3.58 -8.19 11.10
N PHE D 158 4.48 -7.21 11.14
CA PHE D 158 5.81 -7.43 11.74
C PHE D 158 5.74 -7.49 13.25
N ASN D 159 6.56 -8.33 13.86
CA ASN D 159 6.76 -8.28 15.30
C ASN D 159 7.60 -7.06 15.60
N LEU D 160 7.27 -6.38 16.67
CA LEU D 160 7.93 -5.12 17.01
C LEU D 160 8.57 -5.23 18.39
N VAL D 161 9.81 -4.76 18.50
CA VAL D 161 10.48 -4.58 19.77
C VAL D 161 10.98 -3.13 19.81
N ILE D 162 10.58 -2.37 20.84
CA ILE D 162 11.01 -0.98 20.99
C ILE D 162 12.17 -0.95 21.97
N ALA D 163 13.29 -0.35 21.56
CA ALA D 163 14.44 -0.17 22.44
C ALA D 163 14.21 1.15 23.17
N GLU D 164 13.60 1.08 24.34
CA GLU D 164 13.09 2.26 25.04
C GLU D 164 14.15 3.31 25.29
N ASP D 165 15.32 2.87 25.70
CA ASP D 165 16.39 3.81 26.08
C ASP D 165 17.27 4.21 24.90
N ALA D 166 16.89 3.81 23.69
CA ALA D 166 17.48 4.36 22.47
C ALA D 166 16.44 5.15 21.66
N CYS D 167 15.44 5.68 22.37
CA CYS D 167 14.47 6.60 21.79
C CYS D 167 14.45 7.86 22.64
N SER D 168 14.10 8.99 22.05
CA SER D 168 13.83 10.21 22.79
C SER D 168 12.85 11.04 22.01
N ALA D 169 12.15 11.92 22.73
CA ALA D 169 11.11 12.77 22.15
C ALA D 169 11.33 14.23 22.53
N ALA D 170 10.48 15.13 22.06
CA ALA D 170 10.56 16.56 22.40
C ALA D 170 10.51 16.78 23.90
N SER D 171 9.77 15.91 24.60
CA SER D 171 9.73 15.93 26.06
C SER D 171 9.60 14.53 26.58
N ALA D 172 10.05 14.33 27.82
CA ALA D 172 9.87 13.07 28.51
C ALA D 172 8.41 12.70 28.59
N GLU D 173 7.52 13.68 28.79
CA GLU D 173 6.10 13.37 28.88
C GLU D 173 5.59 12.71 27.57
N GLN D 174 6.02 13.25 26.45
CA GLN D 174 5.58 12.75 25.15
C GLN D 174 6.16 11.36 24.90
N HIS D 175 7.42 11.13 25.26
CA HIS D 175 8.04 9.80 25.18
C HIS D 175 7.31 8.81 26.07
N ASN D 176 7.14 9.17 27.34
CA ASN D 176 6.56 8.25 28.31
C ASN D 176 5.14 7.86 27.97
N ASN D 177 4.38 8.81 27.44
CA ASN D 177 3.00 8.52 27.09
C ASN D 177 2.92 7.41 26.05
N SER D 178 3.77 7.46 25.05
CA SER D 178 3.81 6.40 24.05
C SER D 178 4.37 5.09 24.59
N ILE D 179 5.46 5.15 25.35
CA ILE D 179 6.02 3.95 25.98
C ILE D 179 5.03 3.25 26.89
N ASN D 180 4.23 4.02 27.62
CA ASN D 180 3.31 3.46 28.61
C ASN D 180 1.95 3.06 28.05
N HIS D 181 1.49 3.75 27.01
CA HIS D 181 0.09 3.66 26.58
C HIS D 181 -0.14 3.19 25.16
N ILE D 182 0.86 3.32 24.29
CA ILE D 182 0.75 2.89 22.90
C ILE D 182 1.57 1.65 22.65
N TYR D 183 2.87 1.76 22.85
CA TYR D 183 3.77 0.69 22.49
C TYR D 183 3.47 -0.66 23.14
N PRO D 184 3.04 -0.75 24.41
CA PRO D 184 2.77 -2.08 24.97
C PRO D 184 1.72 -2.88 24.19
N ARG D 185 0.80 -2.19 23.52
CA ARG D 185 -0.28 -2.85 22.77
C ARG D 185 0.16 -3.35 21.41
N ILE D 186 1.30 -2.84 20.91
CA ILE D 186 1.78 -3.18 19.56
C ILE D 186 3.18 -3.76 19.51
N ALA D 187 3.84 -3.89 20.65
CA ALA D 187 5.26 -4.20 20.71
C ALA D 187 5.61 -4.82 22.05
N ARG D 188 6.79 -5.41 22.10
CA ARG D 188 7.50 -5.66 23.34
C ARG D 188 8.48 -4.51 23.56
N VAL D 189 8.36 -3.85 24.71
CA VAL D 189 9.20 -2.71 25.07
C VAL D 189 10.30 -3.22 25.98
N ARG D 190 11.54 -3.00 25.58
CA ARG D 190 12.68 -3.52 26.34
C ARG D 190 13.83 -2.53 26.31
N SER D 191 14.80 -2.74 27.19
CA SER D 191 16.00 -1.93 27.17
C SER D 191 17.01 -2.43 26.15
N VAL D 192 17.94 -1.55 25.79
CA VAL D 192 19.01 -1.93 24.89
C VAL D 192 19.81 -3.12 25.47
N GLU D 193 20.09 -3.13 26.77
CA GLU D 193 20.81 -4.23 27.39
C GLU D 193 20.04 -5.54 27.22
N GLU D 194 18.73 -5.51 27.44
CA GLU D 194 17.91 -6.71 27.29
C GLU D 194 17.94 -7.21 25.84
N ILE D 195 17.88 -6.29 24.89
CA ILE D 195 17.88 -6.65 23.49
C ILE D 195 19.24 -7.24 23.09
N LEU D 196 20.33 -6.59 23.52
CA LEU D 196 21.67 -7.11 23.26
C LEU D 196 21.83 -8.54 23.79
N ASN D 197 21.31 -8.80 24.97
CA ASN D 197 21.40 -10.13 25.58
C ASN D 197 20.58 -11.17 24.83
N ALA D 198 19.50 -10.74 24.18
CA ALA D 198 18.60 -11.65 23.47
C ALA D 198 19.08 -12.01 22.08
N LEU D 199 19.97 -11.21 21.51
CA LEU D 199 20.41 -11.42 20.13
C LEU D 199 21.59 -12.39 20.06
C1 MPD E . -22.38 -2.96 -19.30
C2 MPD E . -21.94 -3.74 -18.07
O2 MPD E . -23.15 -4.18 -17.39
CM MPD E . -21.14 -4.97 -18.48
C3 MPD E . -21.16 -2.88 -17.08
C4 MPD E . -19.74 -2.51 -17.52
O4 MPD E . -19.74 -1.98 -18.82
C5 MPD E . -19.13 -1.49 -16.57
C1 MPD F . 14.89 -9.82 -17.36
C2 MPD F . 14.40 -8.49 -16.79
O2 MPD F . 13.17 -8.71 -16.06
CM MPD F . 15.41 -7.94 -15.78
C3 MPD F . 14.22 -7.41 -17.87
C4 MPD F . 13.26 -7.75 -19.01
O4 MPD F . 11.95 -7.96 -18.54
C5 MPD F . 13.27 -6.60 -20.02
C1 MPD G . -15.63 -5.48 -18.06
C2 MPD G . -15.07 -6.06 -16.76
O2 MPD G . -13.76 -5.51 -16.50
CM MPD G . -15.98 -5.66 -15.59
C3 MPD G . -14.95 -7.59 -16.80
C4 MPD G . -14.00 -8.17 -17.84
O4 MPD G . -12.67 -7.73 -17.64
C5 MPD G . -14.02 -9.69 -17.76
C1 MPD H . 18.30 -11.31 -13.39
C2 MPD H . 18.85 -11.33 -14.81
O2 MPD H . 18.86 -12.71 -15.25
CM MPD H . 17.94 -10.60 -15.79
C3 MPD H . 20.26 -10.74 -14.85
C4 MPD H . 21.18 -11.34 -15.93
O4 MPD H . 20.48 -11.83 -17.04
C5 MPD H . 22.25 -10.35 -16.40
C1 MPD I . 14.52 -12.28 -9.20
C2 MPD I . 15.55 -12.35 -10.32
O2 MPD I . 14.84 -12.81 -11.49
CM MPD I . 16.08 -10.94 -10.62
C3 MPD I . 16.70 -13.30 -9.98
C4 MPD I . 16.27 -14.65 -9.39
O4 MPD I . 15.18 -15.20 -10.09
C5 MPD I . 17.40 -15.67 -9.42
C1 MPD J . 22.49 3.17 -10.05
C2 MPD J . 22.89 3.53 -8.63
O2 MPD J . 24.19 2.95 -8.37
CM MPD J . 23.02 5.05 -8.43
C3 MPD J . 21.90 2.98 -7.61
C4 MPD J . 21.95 1.46 -7.48
O4 MPD J . 23.21 1.05 -7.00
C5 MPD J . 20.87 0.95 -6.53
C1 MPD K . -21.85 -7.77 11.41
C2 MPD K . -21.44 -6.80 10.31
O2 MPD K . -22.11 -7.19 9.09
CM MPD K . -21.86 -5.36 10.62
C3 MPD K . -19.93 -6.83 10.06
C4 MPD K . -19.36 -8.22 9.78
O4 MPD K . -19.93 -8.75 8.60
C5 MPD K . -17.85 -8.14 9.61
C1 MPD L . -10.46 -7.63 23.82
C2 MPD L . -11.36 -7.43 22.60
O2 MPD L . -11.56 -6.00 22.45
CM MPD L . -10.67 -7.94 21.34
C3 MPD L . -12.70 -8.15 22.78
C4 MPD L . -13.59 -7.67 23.93
O4 MPD L . -14.90 -8.16 23.73
C5 MPD L . -13.16 -8.15 25.33
C1 MPD M . 12.11 15.50 15.30
C2 MPD M . 10.94 16.38 14.88
O2 MPD M . 9.75 15.54 14.87
CM MPD M . 10.75 17.52 15.87
C3 MPD M . 11.16 17.09 13.53
C4 MPD M . 10.81 16.33 12.25
O4 MPD M . 9.41 16.33 12.03
C5 MPD M . 11.49 17.00 11.07
C1 MPD N . -11.13 1.35 21.89
C2 MPD N . -10.09 0.26 22.17
O2 MPD N . -8.87 0.66 21.47
CM MPD N . -9.75 0.17 23.66
C3 MPD N . -10.60 -1.14 21.75
C4 MPD N . -10.16 -1.67 20.40
O4 MPD N . -8.82 -2.09 20.46
C5 MPD N . -11.00 -2.85 19.94
C1 MPD O . 11.15 23.09 9.70
C2 MPD O . 11.89 21.89 9.15
O2 MPD O . 11.94 20.88 10.19
CM MPD O . 11.11 21.35 7.94
C3 MPD O . 13.32 22.30 8.74
C4 MPD O . 14.22 22.74 9.89
O4 MPD O . 15.52 22.96 9.35
C5 MPD O . 13.82 24.04 10.54
C1 MPD P . 8.40 19.12 5.94
C2 MPD P . 7.25 20.12 6.13
O2 MPD P . 6.12 19.64 5.35
CM MPD P . 6.82 20.15 7.58
C3 MPD P . 7.69 21.49 5.64
C4 MPD P . 6.57 22.47 5.29
O4 MPD P . 5.63 22.58 6.34
C5 MPD P . 7.16 23.85 5.03
#